data_2FVO
# 
_entry.id   2FVO 
# 
_audit_conform.dict_name       mmcif_pdbx.dic 
_audit_conform.dict_version    5.387 
_audit_conform.dict_location   http://mmcif.pdb.org/dictionaries/ascii/mmcif_pdbx.dic 
# 
loop_
_database_2.database_id 
_database_2.database_code 
_database_2.pdbx_database_accession 
_database_2.pdbx_DOI 
PDB   2FVO         pdb_00002fvo 10.2210/pdb2fvo/pdb 
RCSB  RCSB036367   ?            ?                   
WWPDB D_1000036367 ?            ?                   
# 
loop_
_pdbx_audit_revision_history.ordinal 
_pdbx_audit_revision_history.data_content_type 
_pdbx_audit_revision_history.major_revision 
_pdbx_audit_revision_history.minor_revision 
_pdbx_audit_revision_history.revision_date 
1 'Structure model' 1 0 2006-04-04 
2 'Structure model' 1 1 2008-05-01 
3 'Structure model' 1 2 2011-07-13 
4 'Structure model' 1 3 2018-07-18 
5 'Structure model' 1 4 2024-02-14 
# 
_pdbx_audit_revision_details.ordinal             1 
_pdbx_audit_revision_details.revision_ordinal    1 
_pdbx_audit_revision_details.data_content_type   'Structure model' 
_pdbx_audit_revision_details.provider            repository 
_pdbx_audit_revision_details.type                'Initial release' 
_pdbx_audit_revision_details.description         ? 
_pdbx_audit_revision_details.details             ? 
# 
loop_
_pdbx_audit_revision_group.ordinal 
_pdbx_audit_revision_group.revision_ordinal 
_pdbx_audit_revision_group.data_content_type 
_pdbx_audit_revision_group.group 
1 2 'Structure model' 'Version format compliance' 
2 3 'Structure model' 'Version format compliance' 
3 4 'Structure model' 'Data collection'           
4 5 'Structure model' 'Data collection'           
5 5 'Structure model' 'Database references'       
6 5 'Structure model' 'Refinement description'    
# 
loop_
_pdbx_audit_revision_category.ordinal 
_pdbx_audit_revision_category.revision_ordinal 
_pdbx_audit_revision_category.data_content_type 
_pdbx_audit_revision_category.category 
1 4 'Structure model' em_image_scans                
2 4 'Structure model' em_software                   
3 5 'Structure model' chem_comp_atom                
4 5 'Structure model' chem_comp_bond                
5 5 'Structure model' database_2                    
6 5 'Structure model' em_3d_fitting_list            
7 5 'Structure model' pdbx_initial_refinement_model 
# 
loop_
_pdbx_audit_revision_item.ordinal 
_pdbx_audit_revision_item.revision_ordinal 
_pdbx_audit_revision_item.data_content_type 
_pdbx_audit_revision_item.item 
1 4 'Structure model' '_em_software.image_processing_id'                
2 5 'Structure model' '_database_2.pdbx_DOI'                            
3 5 'Structure model' '_database_2.pdbx_database_accession'             
4 5 'Structure model' '_em_3d_fitting_list.accession_code'              
5 5 'Structure model' '_em_3d_fitting_list.initial_refinement_model_id' 
6 5 'Structure model' '_em_3d_fitting_list.source_name'                 
7 5 'Structure model' '_em_3d_fitting_list.type'                        
# 
_pdbx_database_status.status_code                     REL 
_pdbx_database_status.entry_id                        2FVO 
_pdbx_database_status.recvd_initial_deposition_date   2006-01-31 
_pdbx_database_status.deposit_site                    RCSB 
_pdbx_database_status.process_site                    RCSB 
_pdbx_database_status.status_code_sf                  ? 
_pdbx_database_status.status_code_mr                  ? 
_pdbx_database_status.SG_entry                        ? 
_pdbx_database_status.pdb_format_compatible           Y 
_pdbx_database_status.status_code_cs                  ? 
_pdbx_database_status.methods_development_category    ? 
_pdbx_database_status.status_code_nmr_data            ? 
# 
loop_
_pdbx_database_related.db_name 
_pdbx_database_related.db_id 
_pdbx_database_related.details 
_pdbx_database_related.content_type 
PDB  1RQ0     'Crystal structure of peptide releasing factor 1' unspecified            
EMDB EMD-1184 'release complex bound with RF1 (WT)'             'associated EM volume' 
EMDB EMD-1185 'release complex bound with RF1 (GAQ)'            'other EM volume'      
# 
loop_
_audit_author.name 
_audit_author.pdbx_ordinal 
'Rawat, U.'     1 
'Gao, H.'       2 
'Zavialov, A.'  3 
'Gursky, R.'    4 
'Ehrenberg, M.' 5 
'Frank, J.'     6 
# 
loop_
_citation.id 
_citation.title 
_citation.journal_abbrev 
_citation.journal_volume 
_citation.page_first 
_citation.page_last 
_citation.year 
_citation.journal_id_ASTM 
_citation.country 
_citation.journal_id_ISSN 
_citation.journal_id_CSD 
_citation.book_publisher 
_citation.pdbx_database_id_PubMed 
_citation.pdbx_database_id_DOI 
primary 'Interactions of the Release Factor RF1 with the Ribosome as Revealed by Cryo-EM.' J.Mol.Biol. 357 1144 1153 2006 JMOBAK 
UK 0022-2836 0070 ? 16476444 10.1016/j.jmb.2006.01.038 
1       
;Structural Analyses of Peptide Release Factor 1 from Thermotoga maritima Reveal Domain Flexibility Required for Its Interaction with the Ribosome
;
J.Mol.Biol. 341 227  239  2004 JMOBAK UK 0022-2836 0070 ? 15312775 10.1016/j.jmb.2004.05.055 
# 
loop_
_citation_author.citation_id 
_citation_author.name 
_citation_author.ordinal 
_citation_author.identifier_ORCID 
primary 'Rawat, U.'     1  ? 
primary 'Gao, H.'       2  ? 
primary 'Zavialov, A.'  3  ? 
primary 'Gursky, R.'    4  ? 
primary 'Ehrenberg, M.' 5  ? 
primary 'Frank, J.'     6  ? 
1       'Shin, D.H.'    7  ? 
1       'Brandsen, J.'  8  ? 
1       'Jancarik, J.'  9  ? 
1       'Yokota, H.'    10 ? 
1       'Kim, R.'       11 ? 
1       'Kim, S.H.'     12 ? 
# 
_entity.id                         1 
_entity.type                       polymer 
_entity.src_method                 man 
_entity.pdbx_description           'Peptide chain release factor 1' 
_entity.formula_weight             38843.820 
_entity.pdbx_number_of_molecules   1 
_entity.pdbx_ec                    ? 
_entity.pdbx_mutation              ? 
_entity.pdbx_fragment              ? 
_entity.details                    ? 
# 
_entity_name_com.entity_id   1 
_entity_name_com.name        RF-1 
# 
_entity_poly.entity_id                      1 
_entity_poly.type                           'polypeptide(L)' 
_entity_poly.nstd_linkage                   no 
_entity_poly.nstd_monomer                   no 
_entity_poly.pdbx_seq_one_letter_code       
;MKEKKKEIEKLLARPDLTPEQMKNYGMEYAKIEEIENITNRIKETQEFIELLREEGENELEIEKYEKELDQLYQELLFLL
SPEASDKAIVEIRPGTGGEEAALFARDLFRMYTRYAERKGWNLEVAEIHETDLGGIREVVFFVKGKNAYGILKYESGVHR
VQRVPVTESGGRIHTSTATVAVLPEIEEKDIEIRPEDLKIETFRASGHGGQYVNKTESAVRITHLPTGIVVSCQNERSQY
QNKQTALRILRARLYQLQKEQKEREISQKRKSQIGTGERSEKIRTYNFPQNRVTDHRINYTSYRLQEILDGDLDEIISKL
IEHDIENNLEEVL
;
_entity_poly.pdbx_seq_one_letter_code_can   
;MKEKKKEIEKLLARPDLTPEQMKNYGMEYAKIEEIENITNRIKETQEFIELLREEGENELEIEKYEKELDQLYQELLFLL
SPEASDKAIVEIRPGTGGEEAALFARDLFRMYTRYAERKGWNLEVAEIHETDLGGIREVVFFVKGKNAYGILKYESGVHR
VQRVPVTESGGRIHTSTATVAVLPEIEEKDIEIRPEDLKIETFRASGHGGQYVNKTESAVRITHLPTGIVVSCQNERSQY
QNKQTALRILRARLYQLQKEQKEREISQKRKSQIGTGERSEKIRTYNFPQNRVTDHRINYTSYRLQEILDGDLDEIISKL
IEHDIENNLEEVL
;
_entity_poly.pdbx_strand_id                 A 
_entity_poly.pdbx_target_identifier         ? 
# 
loop_
_entity_poly_seq.entity_id 
_entity_poly_seq.num 
_entity_poly_seq.mon_id 
_entity_poly_seq.hetero 
1 1   MET n 
1 2   LYS n 
1 3   GLU n 
1 4   LYS n 
1 5   LYS n 
1 6   LYS n 
1 7   GLU n 
1 8   ILE n 
1 9   GLU n 
1 10  LYS n 
1 11  LEU n 
1 12  LEU n 
1 13  ALA n 
1 14  ARG n 
1 15  PRO n 
1 16  ASP n 
1 17  LEU n 
1 18  THR n 
1 19  PRO n 
1 20  GLU n 
1 21  GLN n 
1 22  MET n 
1 23  LYS n 
1 24  ASN n 
1 25  TYR n 
1 26  GLY n 
1 27  MET n 
1 28  GLU n 
1 29  TYR n 
1 30  ALA n 
1 31  LYS n 
1 32  ILE n 
1 33  GLU n 
1 34  GLU n 
1 35  ILE n 
1 36  GLU n 
1 37  ASN n 
1 38  ILE n 
1 39  THR n 
1 40  ASN n 
1 41  ARG n 
1 42  ILE n 
1 43  LYS n 
1 44  GLU n 
1 45  THR n 
1 46  GLN n 
1 47  GLU n 
1 48  PHE n 
1 49  ILE n 
1 50  GLU n 
1 51  LEU n 
1 52  LEU n 
1 53  ARG n 
1 54  GLU n 
1 55  GLU n 
1 56  GLY n 
1 57  GLU n 
1 58  ASN n 
1 59  GLU n 
1 60  LEU n 
1 61  GLU n 
1 62  ILE n 
1 63  GLU n 
1 64  LYS n 
1 65  TYR n 
1 66  GLU n 
1 67  LYS n 
1 68  GLU n 
1 69  LEU n 
1 70  ASP n 
1 71  GLN n 
1 72  LEU n 
1 73  TYR n 
1 74  GLN n 
1 75  GLU n 
1 76  LEU n 
1 77  LEU n 
1 78  PHE n 
1 79  LEU n 
1 80  LEU n 
1 81  SER n 
1 82  PRO n 
1 83  GLU n 
1 84  ALA n 
1 85  SER n 
1 86  ASP n 
1 87  LYS n 
1 88  ALA n 
1 89  ILE n 
1 90  VAL n 
1 91  GLU n 
1 92  ILE n 
1 93  ARG n 
1 94  PRO n 
1 95  GLY n 
1 96  THR n 
1 97  GLY n 
1 98  GLY n 
1 99  GLU n 
1 100 GLU n 
1 101 ALA n 
1 102 ALA n 
1 103 LEU n 
1 104 PHE n 
1 105 ALA n 
1 106 ARG n 
1 107 ASP n 
1 108 LEU n 
1 109 PHE n 
1 110 ARG n 
1 111 MET n 
1 112 TYR n 
1 113 THR n 
1 114 ARG n 
1 115 TYR n 
1 116 ALA n 
1 117 GLU n 
1 118 ARG n 
1 119 LYS n 
1 120 GLY n 
1 121 TRP n 
1 122 ASN n 
1 123 LEU n 
1 124 GLU n 
1 125 VAL n 
1 126 ALA n 
1 127 GLU n 
1 128 ILE n 
1 129 HIS n 
1 130 GLU n 
1 131 THR n 
1 132 ASP n 
1 133 LEU n 
1 134 GLY n 
1 135 GLY n 
1 136 ILE n 
1 137 ARG n 
1 138 GLU n 
1 139 VAL n 
1 140 VAL n 
1 141 PHE n 
1 142 PHE n 
1 143 VAL n 
1 144 LYS n 
1 145 GLY n 
1 146 LYS n 
1 147 ASN n 
1 148 ALA n 
1 149 TYR n 
1 150 GLY n 
1 151 ILE n 
1 152 LEU n 
1 153 LYS n 
1 154 TYR n 
1 155 GLU n 
1 156 SER n 
1 157 GLY n 
1 158 VAL n 
1 159 HIS n 
1 160 ARG n 
1 161 VAL n 
1 162 GLN n 
1 163 ARG n 
1 164 VAL n 
1 165 PRO n 
1 166 VAL n 
1 167 THR n 
1 168 GLU n 
1 169 SER n 
1 170 GLY n 
1 171 GLY n 
1 172 ARG n 
1 173 ILE n 
1 174 HIS n 
1 175 THR n 
1 176 SER n 
1 177 THR n 
1 178 ALA n 
1 179 THR n 
1 180 VAL n 
1 181 ALA n 
1 182 VAL n 
1 183 LEU n 
1 184 PRO n 
1 185 GLU n 
1 186 ILE n 
1 187 GLU n 
1 188 GLU n 
1 189 LYS n 
1 190 ASP n 
1 191 ILE n 
1 192 GLU n 
1 193 ILE n 
1 194 ARG n 
1 195 PRO n 
1 196 GLU n 
1 197 ASP n 
1 198 LEU n 
1 199 LYS n 
1 200 ILE n 
1 201 GLU n 
1 202 THR n 
1 203 PHE n 
1 204 ARG n 
1 205 ALA n 
1 206 SER n 
1 207 GLY n 
1 208 HIS n 
1 209 GLY n 
1 210 GLY n 
1 211 GLN n 
1 212 TYR n 
1 213 VAL n 
1 214 ASN n 
1 215 LYS n 
1 216 THR n 
1 217 GLU n 
1 218 SER n 
1 219 ALA n 
1 220 VAL n 
1 221 ARG n 
1 222 ILE n 
1 223 THR n 
1 224 HIS n 
1 225 LEU n 
1 226 PRO n 
1 227 THR n 
1 228 GLY n 
1 229 ILE n 
1 230 VAL n 
1 231 VAL n 
1 232 SER n 
1 233 CYS n 
1 234 GLN n 
1 235 ASN n 
1 236 GLU n 
1 237 ARG n 
1 238 SER n 
1 239 GLN n 
1 240 TYR n 
1 241 GLN n 
1 242 ASN n 
1 243 LYS n 
1 244 GLN n 
1 245 THR n 
1 246 ALA n 
1 247 LEU n 
1 248 ARG n 
1 249 ILE n 
1 250 LEU n 
1 251 ARG n 
1 252 ALA n 
1 253 ARG n 
1 254 LEU n 
1 255 TYR n 
1 256 GLN n 
1 257 LEU n 
1 258 GLN n 
1 259 LYS n 
1 260 GLU n 
1 261 GLN n 
1 262 LYS n 
1 263 GLU n 
1 264 ARG n 
1 265 GLU n 
1 266 ILE n 
1 267 SER n 
1 268 GLN n 
1 269 LYS n 
1 270 ARG n 
1 271 LYS n 
1 272 SER n 
1 273 GLN n 
1 274 ILE n 
1 275 GLY n 
1 276 THR n 
1 277 GLY n 
1 278 GLU n 
1 279 ARG n 
1 280 SER n 
1 281 GLU n 
1 282 LYS n 
1 283 ILE n 
1 284 ARG n 
1 285 THR n 
1 286 TYR n 
1 287 ASN n 
1 288 PHE n 
1 289 PRO n 
1 290 GLN n 
1 291 ASN n 
1 292 ARG n 
1 293 VAL n 
1 294 THR n 
1 295 ASP n 
1 296 HIS n 
1 297 ARG n 
1 298 ILE n 
1 299 ASN n 
1 300 TYR n 
1 301 THR n 
1 302 SER n 
1 303 TYR n 
1 304 ARG n 
1 305 LEU n 
1 306 GLN n 
1 307 GLU n 
1 308 ILE n 
1 309 LEU n 
1 310 ASP n 
1 311 GLY n 
1 312 ASP n 
1 313 LEU n 
1 314 ASP n 
1 315 GLU n 
1 316 ILE n 
1 317 ILE n 
1 318 SER n 
1 319 LYS n 
1 320 LEU n 
1 321 ILE n 
1 322 GLU n 
1 323 HIS n 
1 324 ASP n 
1 325 ILE n 
1 326 GLU n 
1 327 ASN n 
1 328 ASN n 
1 329 LEU n 
1 330 GLU n 
1 331 GLU n 
1 332 VAL n 
1 333 LEU n 
# 
_entity_src_gen.entity_id                          1 
_entity_src_gen.pdbx_src_id                        1 
_entity_src_gen.pdbx_alt_source_flag               sample 
_entity_src_gen.pdbx_seq_type                      ? 
_entity_src_gen.pdbx_beg_seq_num                   ? 
_entity_src_gen.pdbx_end_seq_num                   ? 
_entity_src_gen.gene_src_common_name               ? 
_entity_src_gen.gene_src_genus                     Thermotoga 
_entity_src_gen.pdbx_gene_src_gene                 prfA 
_entity_src_gen.gene_src_species                   ? 
_entity_src_gen.gene_src_strain                    ? 
_entity_src_gen.gene_src_tissue                    ? 
_entity_src_gen.gene_src_tissue_fraction           ? 
_entity_src_gen.gene_src_details                   ? 
_entity_src_gen.pdbx_gene_src_fragment             ? 
_entity_src_gen.pdbx_gene_src_scientific_name      'Thermotoga maritima' 
_entity_src_gen.pdbx_gene_src_ncbi_taxonomy_id     2336 
_entity_src_gen.pdbx_gene_src_variant              ? 
_entity_src_gen.pdbx_gene_src_cell_line            ? 
_entity_src_gen.pdbx_gene_src_atcc                 ? 
_entity_src_gen.pdbx_gene_src_organ                ? 
_entity_src_gen.pdbx_gene_src_organelle            ? 
_entity_src_gen.pdbx_gene_src_cell                 ? 
_entity_src_gen.pdbx_gene_src_cellular_location    ? 
_entity_src_gen.host_org_common_name               ? 
_entity_src_gen.pdbx_host_org_scientific_name      'Escherichia coli' 
_entity_src_gen.pdbx_host_org_ncbi_taxonomy_id     562 
_entity_src_gen.host_org_genus                     Escherichia 
_entity_src_gen.pdbx_host_org_gene                 ? 
_entity_src_gen.pdbx_host_org_organ                ? 
_entity_src_gen.host_org_species                   ? 
_entity_src_gen.pdbx_host_org_tissue               ? 
_entity_src_gen.pdbx_host_org_tissue_fraction      ? 
_entity_src_gen.pdbx_host_org_strain               ? 
_entity_src_gen.pdbx_host_org_variant              ? 
_entity_src_gen.pdbx_host_org_cell_line            ? 
_entity_src_gen.pdbx_host_org_atcc                 ? 
_entity_src_gen.pdbx_host_org_culture_collection   ? 
_entity_src_gen.pdbx_host_org_cell                 ? 
_entity_src_gen.pdbx_host_org_organelle            ? 
_entity_src_gen.pdbx_host_org_cellular_location    ? 
_entity_src_gen.pdbx_host_org_vector_type          ? 
_entity_src_gen.pdbx_host_org_vector               ? 
_entity_src_gen.host_org_details                   ? 
_entity_src_gen.expression_system_id               ? 
_entity_src_gen.plasmid_name                       ? 
_entity_src_gen.plasmid_details                    ? 
_entity_src_gen.pdbx_description                   ? 
# 
loop_
_chem_comp.id 
_chem_comp.type 
_chem_comp.mon_nstd_flag 
_chem_comp.name 
_chem_comp.pdbx_synonyms 
_chem_comp.formula 
_chem_comp.formula_weight 
ALA 'L-peptide linking' y ALANINE         ? 'C3 H7 N O2'     89.093  
ARG 'L-peptide linking' y ARGININE        ? 'C6 H15 N4 O2 1' 175.209 
ASN 'L-peptide linking' y ASPARAGINE      ? 'C4 H8 N2 O3'    132.118 
ASP 'L-peptide linking' y 'ASPARTIC ACID' ? 'C4 H7 N O4'     133.103 
CYS 'L-peptide linking' y CYSTEINE        ? 'C3 H7 N O2 S'   121.158 
GLN 'L-peptide linking' y GLUTAMINE       ? 'C5 H10 N2 O3'   146.144 
GLU 'L-peptide linking' y 'GLUTAMIC ACID' ? 'C5 H9 N O4'     147.129 
GLY 'peptide linking'   y GLYCINE         ? 'C2 H5 N O2'     75.067  
HIS 'L-peptide linking' y HISTIDINE       ? 'C6 H10 N3 O2 1' 156.162 
ILE 'L-peptide linking' y ISOLEUCINE      ? 'C6 H13 N O2'    131.173 
LEU 'L-peptide linking' y LEUCINE         ? 'C6 H13 N O2'    131.173 
LYS 'L-peptide linking' y LYSINE          ? 'C6 H15 N2 O2 1' 147.195 
MET 'L-peptide linking' y METHIONINE      ? 'C5 H11 N O2 S'  149.211 
PHE 'L-peptide linking' y PHENYLALANINE   ? 'C9 H11 N O2'    165.189 
PRO 'L-peptide linking' y PROLINE         ? 'C5 H9 N O2'     115.130 
SER 'L-peptide linking' y SERINE          ? 'C3 H7 N O3'     105.093 
THR 'L-peptide linking' y THREONINE       ? 'C4 H9 N O3'     119.119 
TRP 'L-peptide linking' y TRYPTOPHAN      ? 'C11 H12 N2 O2'  204.225 
TYR 'L-peptide linking' y TYROSINE        ? 'C9 H11 N O3'    181.189 
VAL 'L-peptide linking' y VALINE          ? 'C5 H11 N O2'    117.146 
# 
loop_
_pdbx_poly_seq_scheme.asym_id 
_pdbx_poly_seq_scheme.entity_id 
_pdbx_poly_seq_scheme.seq_id 
_pdbx_poly_seq_scheme.mon_id 
_pdbx_poly_seq_scheme.ndb_seq_num 
_pdbx_poly_seq_scheme.pdb_seq_num 
_pdbx_poly_seq_scheme.auth_seq_num 
_pdbx_poly_seq_scheme.pdb_mon_id 
_pdbx_poly_seq_scheme.auth_mon_id 
_pdbx_poly_seq_scheme.pdb_strand_id 
_pdbx_poly_seq_scheme.pdb_ins_code 
_pdbx_poly_seq_scheme.hetero 
A 1 1   MET 1   1   1   MET MET A . n 
A 1 2   LYS 2   2   2   LYS LYS A . n 
A 1 3   GLU 3   3   3   GLU GLU A . n 
A 1 4   LYS 4   4   4   LYS LYS A . n 
A 1 5   LYS 5   5   5   LYS LYS A . n 
A 1 6   LYS 6   6   6   LYS LYS A . n 
A 1 7   GLU 7   7   7   GLU GLU A . n 
A 1 8   ILE 8   8   8   ILE ILE A . n 
A 1 9   GLU 9   9   9   GLU GLU A . n 
A 1 10  LYS 10  10  10  LYS LYS A . n 
A 1 11  LEU 11  11  11  LEU LEU A . n 
A 1 12  LEU 12  12  12  LEU LEU A . n 
A 1 13  ALA 13  13  13  ALA ALA A . n 
A 1 14  ARG 14  14  14  ARG ARG A . n 
A 1 15  PRO 15  15  15  PRO PRO A . n 
A 1 16  ASP 16  16  16  ASP ASP A . n 
A 1 17  LEU 17  17  17  LEU LEU A . n 
A 1 18  THR 18  18  18  THR THR A . n 
A 1 19  PRO 19  19  19  PRO PRO A . n 
A 1 20  GLU 20  20  20  GLU GLU A . n 
A 1 21  GLN 21  21  21  GLN GLN A . n 
A 1 22  MET 22  22  22  MET MET A . n 
A 1 23  LYS 23  23  23  LYS LYS A . n 
A 1 24  ASN 24  24  24  ASN ASN A . n 
A 1 25  TYR 25  25  25  TYR TYR A . n 
A 1 26  GLY 26  26  26  GLY GLY A . n 
A 1 27  MET 27  27  27  MET MET A . n 
A 1 28  GLU 28  28  28  GLU GLU A . n 
A 1 29  TYR 29  29  29  TYR TYR A . n 
A 1 30  ALA 30  30  30  ALA ALA A . n 
A 1 31  LYS 31  31  31  LYS LYS A . n 
A 1 32  ILE 32  32  32  ILE ILE A . n 
A 1 33  GLU 33  33  33  GLU GLU A . n 
A 1 34  GLU 34  34  34  GLU GLU A . n 
A 1 35  ILE 35  35  35  ILE ILE A . n 
A 1 36  GLU 36  36  36  GLU GLU A . n 
A 1 37  ASN 37  37  37  ASN ASN A . n 
A 1 38  ILE 38  38  38  ILE ILE A . n 
A 1 39  THR 39  39  39  THR THR A . n 
A 1 40  ASN 40  40  40  ASN ASN A . n 
A 1 41  ARG 41  41  41  ARG ARG A . n 
A 1 42  ILE 42  42  42  ILE ILE A . n 
A 1 43  LYS 43  43  43  LYS LYS A . n 
A 1 44  GLU 44  44  44  GLU GLU A . n 
A 1 45  THR 45  45  45  THR THR A . n 
A 1 46  GLN 46  46  46  GLN GLN A . n 
A 1 47  GLU 47  47  47  GLU GLU A . n 
A 1 48  PHE 48  48  48  PHE PHE A . n 
A 1 49  ILE 49  49  49  ILE ILE A . n 
A 1 50  GLU 50  50  50  GLU GLU A . n 
A 1 51  LEU 51  51  51  LEU LEU A . n 
A 1 52  LEU 52  52  52  LEU LEU A . n 
A 1 53  ARG 53  53  53  ARG ARG A . n 
A 1 54  GLU 54  54  54  GLU GLU A . n 
A 1 55  GLU 55  55  55  GLU GLU A . n 
A 1 56  GLY 56  56  56  GLY GLY A . n 
A 1 57  GLU 57  57  57  GLU GLU A . n 
A 1 58  ASN 58  58  58  ASN ASN A . n 
A 1 59  GLU 59  59  59  GLU GLU A . n 
A 1 60  LEU 60  60  60  LEU LEU A . n 
A 1 61  GLU 61  61  61  GLU GLU A . n 
A 1 62  ILE 62  62  62  ILE ILE A . n 
A 1 63  GLU 63  63  63  GLU GLU A . n 
A 1 64  LYS 64  64  64  LYS LYS A . n 
A 1 65  TYR 65  65  65  TYR TYR A . n 
A 1 66  GLU 66  66  66  GLU GLU A . n 
A 1 67  LYS 67  67  67  LYS LYS A . n 
A 1 68  GLU 68  68  68  GLU GLU A . n 
A 1 69  LEU 69  69  69  LEU LEU A . n 
A 1 70  ASP 70  70  70  ASP ASP A . n 
A 1 71  GLN 71  71  71  GLN GLN A . n 
A 1 72  LEU 72  72  72  LEU LEU A . n 
A 1 73  TYR 73  73  73  TYR TYR A . n 
A 1 74  GLN 74  74  74  GLN GLN A . n 
A 1 75  GLU 75  75  75  GLU GLU A . n 
A 1 76  LEU 76  76  76  LEU LEU A . n 
A 1 77  LEU 77  77  77  LEU LEU A . n 
A 1 78  PHE 78  78  78  PHE PHE A . n 
A 1 79  LEU 79  79  79  LEU LEU A . n 
A 1 80  LEU 80  80  80  LEU LEU A . n 
A 1 81  SER 81  81  81  SER SER A . n 
A 1 82  PRO 82  82  82  PRO PRO A . n 
A 1 83  GLU 83  83  83  GLU GLU A . n 
A 1 84  ALA 84  84  84  ALA ALA A . n 
A 1 85  SER 85  85  85  SER SER A . n 
A 1 86  ASP 86  86  86  ASP ASP A . n 
A 1 87  LYS 87  87  87  LYS LYS A . n 
A 1 88  ALA 88  88  88  ALA ALA A . n 
A 1 89  ILE 89  89  89  ILE ILE A . n 
A 1 90  VAL 90  90  90  VAL VAL A . n 
A 1 91  GLU 91  91  91  GLU GLU A . n 
A 1 92  ILE 92  92  92  ILE ILE A . n 
A 1 93  ARG 93  93  93  ARG ARG A . n 
A 1 94  PRO 94  94  94  PRO PRO A . n 
A 1 95  GLY 95  95  95  GLY GLY A . n 
A 1 96  THR 96  96  96  THR THR A . n 
A 1 97  GLY 97  97  97  GLY GLY A . n 
A 1 98  GLY 98  98  98  GLY GLY A . n 
A 1 99  GLU 99  99  99  GLU GLU A . n 
A 1 100 GLU 100 100 100 GLU GLU A . n 
A 1 101 ALA 101 101 101 ALA ALA A . n 
A 1 102 ALA 102 102 102 ALA ALA A . n 
A 1 103 LEU 103 103 103 LEU LEU A . n 
A 1 104 PHE 104 104 104 PHE PHE A . n 
A 1 105 ALA 105 105 105 ALA ALA A . n 
A 1 106 ARG 106 106 106 ARG ARG A . n 
A 1 107 ASP 107 107 107 ASP ASP A . n 
A 1 108 LEU 108 108 108 LEU LEU A . n 
A 1 109 PHE 109 109 109 PHE PHE A . n 
A 1 110 ARG 110 110 110 ARG ARG A . n 
A 1 111 MET 111 111 111 MET MET A . n 
A 1 112 TYR 112 112 112 TYR TYR A . n 
A 1 113 THR 113 113 113 THR THR A . n 
A 1 114 ARG 114 114 114 ARG ARG A . n 
A 1 115 TYR 115 115 115 TYR TYR A . n 
A 1 116 ALA 116 116 116 ALA ALA A . n 
A 1 117 GLU 117 117 117 GLU GLU A . n 
A 1 118 ARG 118 118 118 ARG ARG A . n 
A 1 119 LYS 119 119 119 LYS LYS A . n 
A 1 120 GLY 120 120 120 GLY GLY A . n 
A 1 121 TRP 121 121 121 TRP TRP A . n 
A 1 122 ASN 122 122 122 ASN ASN A . n 
A 1 123 LEU 123 123 123 LEU LEU A . n 
A 1 124 GLU 124 124 124 GLU GLU A . n 
A 1 125 VAL 125 125 125 VAL VAL A . n 
A 1 126 ALA 126 126 126 ALA ALA A . n 
A 1 127 GLU 127 127 127 GLU GLU A . n 
A 1 128 ILE 128 128 128 ILE ILE A . n 
A 1 129 HIS 129 129 129 HIS HIS A . n 
A 1 130 GLU 130 130 130 GLU GLU A . n 
A 1 131 THR 131 131 131 THR THR A . n 
A 1 132 ASP 132 132 132 ASP ASP A . n 
A 1 133 LEU 133 133 133 LEU LEU A . n 
A 1 134 GLY 134 134 134 GLY GLY A . n 
A 1 135 GLY 135 135 135 GLY GLY A . n 
A 1 136 ILE 136 136 136 ILE ILE A . n 
A 1 137 ARG 137 137 137 ARG ARG A . n 
A 1 138 GLU 138 138 138 GLU GLU A . n 
A 1 139 VAL 139 139 139 VAL VAL A . n 
A 1 140 VAL 140 140 140 VAL VAL A . n 
A 1 141 PHE 141 141 141 PHE PHE A . n 
A 1 142 PHE 142 142 142 PHE PHE A . n 
A 1 143 VAL 143 143 143 VAL VAL A . n 
A 1 144 LYS 144 144 144 LYS LYS A . n 
A 1 145 GLY 145 145 145 GLY GLY A . n 
A 1 146 LYS 146 146 146 LYS LYS A . n 
A 1 147 ASN 147 147 147 ASN ASN A . n 
A 1 148 ALA 148 148 148 ALA ALA A . n 
A 1 149 TYR 149 149 149 TYR TYR A . n 
A 1 150 GLY 150 150 150 GLY GLY A . n 
A 1 151 ILE 151 151 151 ILE ILE A . n 
A 1 152 LEU 152 152 152 LEU LEU A . n 
A 1 153 LYS 153 153 153 LYS LYS A . n 
A 1 154 TYR 154 154 154 TYR TYR A . n 
A 1 155 GLU 155 155 155 GLU GLU A . n 
A 1 156 SER 156 156 156 SER SER A . n 
A 1 157 GLY 157 157 157 GLY GLY A . n 
A 1 158 VAL 158 158 158 VAL VAL A . n 
A 1 159 HIS 159 159 159 HIS HIS A . n 
A 1 160 ARG 160 160 160 ARG ARG A . n 
A 1 161 VAL 161 161 161 VAL VAL A . n 
A 1 162 GLN 162 162 162 GLN GLN A . n 
A 1 163 ARG 163 163 163 ARG ARG A . n 
A 1 164 VAL 164 164 164 VAL VAL A . n 
A 1 165 PRO 165 165 165 PRO PRO A . n 
A 1 166 VAL 166 166 166 VAL VAL A . n 
A 1 167 THR 167 167 167 THR THR A . n 
A 1 168 GLU 168 168 168 GLU GLU A . n 
A 1 169 SER 169 169 169 SER SER A . n 
A 1 170 GLY 170 170 170 GLY GLY A . n 
A 1 171 GLY 171 171 171 GLY GLY A . n 
A 1 172 ARG 172 172 172 ARG ARG A . n 
A 1 173 ILE 173 173 173 ILE ILE A . n 
A 1 174 HIS 174 174 174 HIS HIS A . n 
A 1 175 THR 175 175 175 THR THR A . n 
A 1 176 SER 176 176 176 SER SER A . n 
A 1 177 THR 177 177 177 THR THR A . n 
A 1 178 ALA 178 178 178 ALA ALA A . n 
A 1 179 THR 179 179 179 THR THR A . n 
A 1 180 VAL 180 180 180 VAL VAL A . n 
A 1 181 ALA 181 181 181 ALA ALA A . n 
A 1 182 VAL 182 182 182 VAL VAL A . n 
A 1 183 LEU 183 183 183 LEU LEU A . n 
A 1 184 PRO 184 184 184 PRO PRO A . n 
A 1 185 GLU 185 185 185 GLU GLU A . n 
A 1 186 ILE 186 186 186 ILE ILE A . n 
A 1 187 GLU 187 187 187 GLU GLU A . n 
A 1 188 GLU 188 188 188 GLU GLU A . n 
A 1 189 LYS 189 189 189 LYS LYS A . n 
A 1 190 ASP 190 190 190 ASP ASP A . n 
A 1 191 ILE 191 191 191 ILE ILE A . n 
A 1 192 GLU 192 192 192 GLU GLU A . n 
A 1 193 ILE 193 193 193 ILE ILE A . n 
A 1 194 ARG 194 194 194 ARG ARG A . n 
A 1 195 PRO 195 195 195 PRO PRO A . n 
A 1 196 GLU 196 196 196 GLU GLU A . n 
A 1 197 ASP 197 197 197 ASP ASP A . n 
A 1 198 LEU 198 198 198 LEU LEU A . n 
A 1 199 LYS 199 199 199 LYS LYS A . n 
A 1 200 ILE 200 200 200 ILE ILE A . n 
A 1 201 GLU 201 201 201 GLU GLU A . n 
A 1 202 THR 202 202 202 THR THR A . n 
A 1 203 PHE 203 203 203 PHE PHE A . n 
A 1 204 ARG 204 204 204 ARG ARG A . n 
A 1 205 ALA 205 205 205 ALA ALA A . n 
A 1 206 SER 206 206 206 SER SER A . n 
A 1 207 GLY 207 207 207 GLY GLY A . n 
A 1 208 HIS 208 208 ?   ?   ?   A . n 
A 1 209 GLY 209 209 ?   ?   ?   A . n 
A 1 210 GLY 210 210 ?   ?   ?   A . n 
A 1 211 GLN 211 211 ?   ?   ?   A . n 
A 1 212 TYR 212 212 ?   ?   ?   A . n 
A 1 213 VAL 213 213 ?   ?   ?   A . n 
A 1 214 ASN 214 214 ?   ?   ?   A . n 
A 1 215 LYS 215 215 ?   ?   ?   A . n 
A 1 216 THR 216 216 ?   ?   ?   A . n 
A 1 217 GLU 217 217 217 GLU GLU A . n 
A 1 218 SER 218 218 218 SER SER A . n 
A 1 219 ALA 219 219 219 ALA ALA A . n 
A 1 220 VAL 220 220 220 VAL VAL A . n 
A 1 221 ARG 221 221 221 ARG ARG A . n 
A 1 222 ILE 222 222 222 ILE ILE A . n 
A 1 223 THR 223 223 223 THR THR A . n 
A 1 224 HIS 224 224 224 HIS HIS A . n 
A 1 225 LEU 225 225 225 LEU LEU A . n 
A 1 226 PRO 226 226 226 PRO PRO A . n 
A 1 227 THR 227 227 227 THR THR A . n 
A 1 228 GLY 228 228 228 GLY GLY A . n 
A 1 229 ILE 229 229 229 ILE ILE A . n 
A 1 230 VAL 230 230 230 VAL VAL A . n 
A 1 231 VAL 231 231 231 VAL VAL A . n 
A 1 232 SER 232 232 232 SER SER A . n 
A 1 233 CYS 233 233 233 CYS CYS A . n 
A 1 234 GLN 234 234 234 GLN GLN A . n 
A 1 235 ASN 235 235 235 ASN ASN A . n 
A 1 236 GLU 236 236 236 GLU GLU A . n 
A 1 237 ARG 237 237 237 ARG ARG A . n 
A 1 238 SER 238 238 238 SER SER A . n 
A 1 239 GLN 239 239 239 GLN GLN A . n 
A 1 240 TYR 240 240 240 TYR TYR A . n 
A 1 241 GLN 241 241 241 GLN GLN A . n 
A 1 242 ASN 242 242 242 ASN ASN A . n 
A 1 243 LYS 243 243 243 LYS LYS A . n 
A 1 244 GLN 244 244 244 GLN GLN A . n 
A 1 245 THR 245 245 245 THR THR A . n 
A 1 246 ALA 246 246 246 ALA ALA A . n 
A 1 247 LEU 247 247 247 LEU LEU A . n 
A 1 248 ARG 248 248 248 ARG ARG A . n 
A 1 249 ILE 249 249 249 ILE ILE A . n 
A 1 250 LEU 250 250 250 LEU LEU A . n 
A 1 251 ARG 251 251 251 ARG ARG A . n 
A 1 252 ALA 252 252 252 ALA ALA A . n 
A 1 253 ARG 253 253 253 ARG ARG A . n 
A 1 254 LEU 254 254 254 LEU LEU A . n 
A 1 255 TYR 255 255 255 TYR TYR A . n 
A 1 256 GLN 256 256 256 GLN GLN A . n 
A 1 257 LEU 257 257 257 LEU LEU A . n 
A 1 258 GLN 258 258 258 GLN GLN A . n 
A 1 259 LYS 259 259 259 LYS LYS A . n 
A 1 260 GLU 260 260 260 GLU GLU A . n 
A 1 261 GLN 261 261 261 GLN GLN A . n 
A 1 262 LYS 262 262 262 LYS LYS A . n 
A 1 263 GLU 263 263 263 GLU GLU A . n 
A 1 264 ARG 264 264 264 ARG ARG A . n 
A 1 265 GLU 265 265 265 GLU GLU A . n 
A 1 266 ILE 266 266 266 ILE ILE A . n 
A 1 267 SER 267 267 267 SER SER A . n 
A 1 268 GLN 268 268 268 GLN GLN A . n 
A 1 269 LYS 269 269 ?   ?   ?   A . n 
A 1 270 ARG 270 270 ?   ?   ?   A . n 
A 1 271 LYS 271 271 ?   ?   ?   A . n 
A 1 272 SER 272 272 ?   ?   ?   A . n 
A 1 273 GLN 273 273 ?   ?   ?   A . n 
A 1 274 ILE 274 274 ?   ?   ?   A . n 
A 1 275 GLY 275 275 ?   ?   ?   A . n 
A 1 276 THR 276 276 ?   ?   ?   A . n 
A 1 277 GLY 277 277 ?   ?   ?   A . n 
A 1 278 GLU 278 278 ?   ?   ?   A . n 
A 1 279 ARG 279 279 279 ARG ARG A . n 
A 1 280 SER 280 280 280 SER SER A . n 
A 1 281 GLU 281 281 281 GLU GLU A . n 
A 1 282 LYS 282 282 282 LYS LYS A . n 
A 1 283 ILE 283 283 283 ILE ILE A . n 
A 1 284 ARG 284 284 284 ARG ARG A . n 
A 1 285 THR 285 285 285 THR THR A . n 
A 1 286 TYR 286 286 286 TYR TYR A . n 
A 1 287 ASN 287 287 287 ASN ASN A . n 
A 1 288 PHE 288 288 288 PHE PHE A . n 
A 1 289 PRO 289 289 289 PRO PRO A . n 
A 1 290 GLN 290 290 290 GLN GLN A . n 
A 1 291 ASN 291 291 291 ASN ASN A . n 
A 1 292 ARG 292 292 292 ARG ARG A . n 
A 1 293 VAL 293 293 293 VAL VAL A . n 
A 1 294 THR 294 294 294 THR THR A . n 
A 1 295 ASP 295 295 295 ASP ASP A . n 
A 1 296 HIS 296 296 296 HIS HIS A . n 
A 1 297 ARG 297 297 297 ARG ARG A . n 
A 1 298 ILE 298 298 298 ILE ILE A . n 
A 1 299 ASN 299 299 299 ASN ASN A . n 
A 1 300 TYR 300 300 300 TYR TYR A . n 
A 1 301 THR 301 301 301 THR THR A . n 
A 1 302 SER 302 302 302 SER SER A . n 
A 1 303 TYR 303 303 303 TYR TYR A . n 
A 1 304 ARG 304 304 304 ARG ARG A . n 
A 1 305 LEU 305 305 305 LEU LEU A . n 
A 1 306 GLN 306 306 306 GLN GLN A . n 
A 1 307 GLU 307 307 307 GLU GLU A . n 
A 1 308 ILE 308 308 308 ILE ILE A . n 
A 1 309 LEU 309 309 309 LEU LEU A . n 
A 1 310 ASP 310 310 310 ASP ASP A . n 
A 1 311 GLY 311 311 311 GLY GLY A . n 
A 1 312 ASP 312 312 312 ASP ASP A . n 
A 1 313 LEU 313 313 313 LEU LEU A . n 
A 1 314 ASP 314 314 314 ASP ASP A . n 
A 1 315 GLU 315 315 315 GLU GLU A . n 
A 1 316 ILE 316 316 316 ILE ILE A . n 
A 1 317 ILE 317 317 317 ILE ILE A . n 
A 1 318 SER 318 318 318 SER SER A . n 
A 1 319 LYS 319 319 319 LYS LYS A . n 
A 1 320 LEU 320 320 320 LEU LEU A . n 
A 1 321 ILE 321 321 321 ILE ILE A . n 
A 1 322 GLU 322 322 322 GLU GLU A . n 
A 1 323 HIS 323 323 323 HIS HIS A . n 
A 1 324 ASP 324 324 324 ASP ASP A . n 
A 1 325 ILE 325 325 325 ILE ILE A . n 
A 1 326 GLU 326 326 326 GLU GLU A . n 
A 1 327 ASN 327 327 327 ASN ASN A . n 
A 1 328 ASN 328 328 328 ASN ASN A . n 
A 1 329 LEU 329 329 329 LEU LEU A . n 
A 1 330 GLU 330 330 330 GLU GLU A . n 
A 1 331 GLU 331 331 331 GLU GLU A . n 
A 1 332 VAL 332 332 332 VAL VAL A . n 
A 1 333 LEU 333 333 333 LEU LEU A . n 
# 
_exptl.entry_id          2FVO 
_exptl.method            'ELECTRON MICROSCOPY' 
_exptl.crystals_number   ? 
# 
_exptl_crystal.id                    1 
_exptl_crystal.density_meas          ? 
_exptl_crystal.density_Matthews      ? 
_exptl_crystal.density_percent_sol   ? 
_exptl_crystal.description           ? 
# 
_diffrn.id                     1 
_diffrn.ambient_temp           ? 
_diffrn.ambient_temp_details   ? 
_diffrn.crystal_id             1 
# 
_refine.entry_id                                 2FVO 
_refine.ls_number_reflns_obs                     ? 
_refine.ls_number_reflns_all                     ? 
_refine.pdbx_ls_sigma_I                          ? 
_refine.pdbx_ls_sigma_F                          ? 
_refine.pdbx_data_cutoff_high_absF               ? 
_refine.pdbx_data_cutoff_low_absF                ? 
_refine.pdbx_data_cutoff_high_rms_absF           ? 
_refine.ls_d_res_low                             ? 
_refine.ls_d_res_high                            12.80 
_refine.ls_percent_reflns_obs                    ? 
_refine.ls_R_factor_obs                          ? 
_refine.ls_R_factor_all                          ? 
_refine.ls_R_factor_R_work                       ? 
_refine.ls_R_factor_R_free                       ? 
_refine.ls_R_factor_R_free_error                 ? 
_refine.ls_R_factor_R_free_error_details         ? 
_refine.ls_percent_reflns_R_free                 ? 
_refine.ls_number_reflns_R_free                  ? 
_refine.ls_number_parameters                     ? 
_refine.ls_number_restraints                     ? 
_refine.occupancy_min                            ? 
_refine.occupancy_max                            ? 
_refine.correlation_coeff_Fo_to_Fc               ? 
_refine.correlation_coeff_Fo_to_Fc_free          ? 
_refine.B_iso_mean                               ? 
_refine.aniso_B[1][1]                            ? 
_refine.aniso_B[2][2]                            ? 
_refine.aniso_B[3][3]                            ? 
_refine.aniso_B[1][2]                            ? 
_refine.aniso_B[1][3]                            ? 
_refine.aniso_B[2][3]                            ? 
_refine.solvent_model_details                    ? 
_refine.solvent_model_param_ksol                 ? 
_refine.solvent_model_param_bsol                 ? 
_refine.pdbx_solvent_vdw_probe_radii             ? 
_refine.pdbx_solvent_ion_probe_radii             ? 
_refine.pdbx_solvent_shrinkage_radii             ? 
_refine.pdbx_ls_cross_valid_method               ? 
_refine.details                                  'Coordinates contain CA atoms only' 
_refine.pdbx_starting_model                      ? 
_refine.pdbx_method_to_determine_struct          ? 
_refine.pdbx_isotropic_thermal_model             ? 
_refine.pdbx_stereochemistry_target_values       ? 
_refine.pdbx_stereochem_target_val_spec_case     ? 
_refine.pdbx_R_Free_selection_details            ? 
_refine.pdbx_overall_ESU_R                       ? 
_refine.pdbx_overall_ESU_R_Free                  ? 
_refine.overall_SU_ML                            ? 
_refine.overall_SU_B                             ? 
_refine.ls_redundancy_reflns_obs                 ? 
_refine.B_iso_min                                ? 
_refine.B_iso_max                                ? 
_refine.overall_SU_R_Cruickshank_DPI             ? 
_refine.overall_SU_R_free                        ? 
_refine.pdbx_overall_phase_error                 ? 
_refine.pdbx_refine_id                           'ELECTRON MICROSCOPY' 
_refine.pdbx_diffrn_id                           1 
_refine.pdbx_TLS_residual_ADP_flag               ? 
_refine.pdbx_overall_SU_R_free_Cruickshank_DPI   ? 
_refine.pdbx_overall_SU_R_Blow_DPI               ? 
_refine.pdbx_overall_SU_R_free_Blow_DPI          ? 
# 
_refine_hist.pdbx_refine_id                   'ELECTRON MICROSCOPY' 
_refine_hist.cycle_id                         LAST 
_refine_hist.pdbx_number_atoms_protein        314 
_refine_hist.pdbx_number_atoms_nucleic_acid   0 
_refine_hist.pdbx_number_atoms_ligand         0 
_refine_hist.number_atoms_solvent             0 
_refine_hist.number_atoms_total               314 
_refine_hist.d_res_high                       12.80 
_refine_hist.d_res_low                        . 
# 
_struct.entry_id                  2FVO 
_struct.title                     
'Docking of the modified RF1 X-ray structure into the Low Resolution Cryo-EM map of E.coli 70S Ribosome bound with RF1' 
_struct.pdbx_model_details        ? 
_struct.pdbx_CASP_flag            ? 
_struct.pdbx_model_type_details   ? 
# 
_struct_keywords.entry_id        2FVO 
_struct_keywords.pdbx_keywords   TRANSLATION 
_struct_keywords.text            'RF1 ribosome cryo-EM, TRANSLATION' 
# 
_struct_asym.id                            A 
_struct_asym.pdbx_blank_PDB_chainid_flag   N 
_struct_asym.pdbx_modified                 N 
_struct_asym.entity_id                     1 
_struct_asym.details                       ? 
# 
_struct_ref.id                         1 
_struct_ref.db_name                    UNP 
_struct_ref.db_code                    RF1_THEMA 
_struct_ref.pdbx_db_accession          Q9X183 
_struct_ref.entity_id                  1 
_struct_ref.pdbx_align_begin           1 
_struct_ref.pdbx_seq_one_letter_code   ? 
_struct_ref.pdbx_db_isoform            ? 
# 
_struct_ref_seq.align_id                      1 
_struct_ref_seq.ref_id                        1 
_struct_ref_seq.pdbx_PDB_id_code              2FVO 
_struct_ref_seq.pdbx_strand_id                A 
_struct_ref_seq.seq_align_beg                 1 
_struct_ref_seq.pdbx_seq_align_beg_ins_code   ? 
_struct_ref_seq.seq_align_end                 333 
_struct_ref_seq.pdbx_seq_align_end_ins_code   ? 
_struct_ref_seq.pdbx_db_accession             Q9X183 
_struct_ref_seq.db_align_beg                  1 
_struct_ref_seq.pdbx_db_align_beg_ins_code    ? 
_struct_ref_seq.db_align_end                  333 
_struct_ref_seq.pdbx_db_align_end_ins_code    ? 
_struct_ref_seq.pdbx_auth_seq_align_beg       1 
_struct_ref_seq.pdbx_auth_seq_align_end       333 
# 
_pdbx_struct_assembly.id                   1 
_pdbx_struct_assembly.details              author_defined_assembly 
_pdbx_struct_assembly.method_details       ? 
_pdbx_struct_assembly.oligomeric_details   monomeric 
_pdbx_struct_assembly.oligomeric_count     1 
# 
_pdbx_struct_assembly_gen.assembly_id       1 
_pdbx_struct_assembly_gen.oper_expression   1 
_pdbx_struct_assembly_gen.asym_id_list      A 
# 
_pdbx_struct_oper_list.id                   1 
_pdbx_struct_oper_list.type                 'identity operation' 
_pdbx_struct_oper_list.name                 1_555 
_pdbx_struct_oper_list.symmetry_operation   x,y,z 
_pdbx_struct_oper_list.matrix[1][1]         1.0000000000 
_pdbx_struct_oper_list.matrix[1][2]         0.0000000000 
_pdbx_struct_oper_list.matrix[1][3]         0.0000000000 
_pdbx_struct_oper_list.vector[1]            0.0000000000 
_pdbx_struct_oper_list.matrix[2][1]         0.0000000000 
_pdbx_struct_oper_list.matrix[2][2]         1.0000000000 
_pdbx_struct_oper_list.matrix[2][3]         0.0000000000 
_pdbx_struct_oper_list.vector[2]            0.0000000000 
_pdbx_struct_oper_list.matrix[3][1]         0.0000000000 
_pdbx_struct_oper_list.matrix[3][2]         0.0000000000 
_pdbx_struct_oper_list.matrix[3][3]         1.0000000000 
_pdbx_struct_oper_list.vector[3]            0.0000000000 
# 
_em_3d_fitting.id                1 
_em_3d_fitting.entry_id          2FVO 
_em_3d_fitting.ref_protocol      OTHER 
_em_3d_fitting.ref_space         REAL 
_em_3d_fitting.overall_b_value   ? 
_em_3d_fitting.target_criteria   ? 
_em_3d_fitting.details           METHOD--Manual 
_em_3d_fitting.method            ? 
# 
_em_3d_fitting_list.3d_fitting_id                 1 
_em_3d_fitting_list.id                            1 
_em_3d_fitting_list.pdb_entry_id                  1RQ0 
_em_3d_fitting_list.pdb_chain_id                  ? 
_em_3d_fitting_list.details                       ? 
_em_3d_fitting_list.initial_refinement_model_id   1 
_em_3d_fitting_list.chain_id                      ? 
_em_3d_fitting_list.chain_residue_range           ? 
_em_3d_fitting_list.pdb_chain_residue_range       ? 
_em_3d_fitting_list.source_name                   PDB 
_em_3d_fitting_list.type                          'experimental model' 
_em_3d_fitting_list.accession_code                1RQ0 
# 
_em_3d_reconstruction.entry_id                    2FVO 
_em_3d_reconstruction.id                          1 
_em_3d_reconstruction.resolution_method           'FSC 0.5 CUT-OFF' 
_em_3d_reconstruction.symmetry_type               POINT 
_em_3d_reconstruction.num_particles               24622 
_em_3d_reconstruction.image_processing_id         1 
_em_3d_reconstruction.method                      'Single particle' 
_em_3d_reconstruction.nominal_pixel_size          ? 
_em_3d_reconstruction.actual_pixel_size           2.82 
_em_3d_reconstruction.resolution                  12.8 
_em_3d_reconstruction.magnification_calibration   TMV 
_em_3d_reconstruction.details                     
'Coordinates contain CA atoms only. ALl the image processing was done in SPIDER. 0.5 cutoff of FSC' 
_em_3d_reconstruction.num_class_averages          ? 
_em_3d_reconstruction.algorithm                   ? 
# 
_em_buffer.id            1 
_em_buffer.specimen_id   1 
_em_buffer.name          'Polymix buffer' 
_em_buffer.pH            7.5 
_em_buffer.details       'Polymix buffer' 
# 
_em_entity_assembly.id                   1 
_em_entity_assembly.name                 'E.COLI 70S RIBOSOME - RF2 complex' 
_em_entity_assembly.type                 RIBOSOME 
_em_entity_assembly.parent_id            0 
_em_entity_assembly.synonym              ? 
_em_entity_assembly.details              ? 
_em_entity_assembly.oligomeric_details   ? 
# 
_em_imaging.entry_id                        2FVO 
_em_imaging.id                              1 
_em_imaging.mode                            'BRIGHT FIELD' 
_em_imaging.date                            2002-12-01 
_em_imaging.illumination_mode               'FLOOD BEAM' 
_em_imaging.electron_source                 'FIELD EMISSION GUN' 
_em_imaging.specimen_id                     1 
_em_imaging.temperature                     93 
_em_imaging.microscope_model                'FEI TECNAI F20' 
_em_imaging.nominal_defocus_min             2000 
_em_imaging.nominal_defocus_max             4000 
_em_imaging.tilt_angle_min                  0 
_em_imaging.tilt_angle_max                  0 
_em_imaging.nominal_cs                      2 
_em_imaging.nominal_magnification           50000 
_em_imaging.calibrated_magnification        49696 
_em_imaging.accelerating_voltage            200 
_em_imaging.details                         ? 
_em_imaging.specimen_holder_type            ? 
_em_imaging.specimen_holder_model           ? 
_em_imaging.citation_id                     ? 
_em_imaging.detector_distance               ? 
_em_imaging.recording_temperature_maximum   ? 
_em_imaging.recording_temperature_minimum   ? 
_em_imaging.astigmatism                     ? 
_em_imaging.electron_beam_tilt_params       ? 
# 
_em_sample_support.id               1 
_em_sample_support.specimen_id      1 
_em_sample_support.details          'quanti-foil grids coated with a thin carbon layer' 
_em_sample_support.film_material    ? 
_em_sample_support.grid_material    ? 
_em_sample_support.grid_mesh_size   ? 
_em_sample_support.grid_type        ? 
_em_sample_support.method           ? 
# 
_em_vitrification.entry_id              2FVO 
_em_vitrification.id                    1 
_em_vitrification.instrument            'HOMEMADE PLUNGER' 
_em_vitrification.cryogen_name          ETHANE 
_em_vitrification.details               'RAPID-FREEZING IN LIQUID Ethane' 
_em_vitrification.citation_id           ? 
_em_vitrification.humidity              ? 
_em_vitrification.method                ? 
_em_vitrification.specimen_id           1 
_em_vitrification.temp                  ? 
_em_vitrification.time_resolved_state   ? 
# 
_em_experiment.entry_id                2FVO 
_em_experiment.id                      1 
_em_experiment.aggregation_state       PARTICLE 
_em_experiment.entity_assembly_id      1 
_em_experiment.reconstruction_method   'SINGLE PARTICLE' 
# 
_em_single_particle_entity.entry_id              2FVO 
_em_single_particle_entity.id                    1 
_em_single_particle_entity.point_symmetry        C1 
_em_single_particle_entity.image_processing_id   1 
# 
loop_
_pdbx_unobs_or_zero_occ_residues.id 
_pdbx_unobs_or_zero_occ_residues.PDB_model_num 
_pdbx_unobs_or_zero_occ_residues.polymer_flag 
_pdbx_unobs_or_zero_occ_residues.occupancy_flag 
_pdbx_unobs_or_zero_occ_residues.auth_asym_id 
_pdbx_unobs_or_zero_occ_residues.auth_comp_id 
_pdbx_unobs_or_zero_occ_residues.auth_seq_id 
_pdbx_unobs_or_zero_occ_residues.PDB_ins_code 
_pdbx_unobs_or_zero_occ_residues.label_asym_id 
_pdbx_unobs_or_zero_occ_residues.label_comp_id 
_pdbx_unobs_or_zero_occ_residues.label_seq_id 
1  1 Y 1 A HIS 208 ? A HIS 208 
2  1 Y 1 A GLY 209 ? A GLY 209 
3  1 Y 1 A GLY 210 ? A GLY 210 
4  1 Y 1 A GLN 211 ? A GLN 211 
5  1 Y 1 A TYR 212 ? A TYR 212 
6  1 Y 1 A VAL 213 ? A VAL 213 
7  1 Y 1 A ASN 214 ? A ASN 214 
8  1 Y 1 A LYS 215 ? A LYS 215 
9  1 Y 1 A THR 216 ? A THR 216 
10 1 Y 1 A LYS 269 ? A LYS 269 
11 1 Y 1 A ARG 270 ? A ARG 270 
12 1 Y 1 A LYS 271 ? A LYS 271 
13 1 Y 1 A SER 272 ? A SER 272 
14 1 Y 1 A GLN 273 ? A GLN 273 
15 1 Y 1 A ILE 274 ? A ILE 274 
16 1 Y 1 A GLY 275 ? A GLY 275 
17 1 Y 1 A THR 276 ? A THR 276 
18 1 Y 1 A GLY 277 ? A GLY 277 
19 1 Y 1 A GLU 278 ? A GLU 278 
# 
loop_
_chem_comp_atom.comp_id 
_chem_comp_atom.atom_id 
_chem_comp_atom.type_symbol 
_chem_comp_atom.pdbx_aromatic_flag 
_chem_comp_atom.pdbx_stereo_config 
_chem_comp_atom.pdbx_ordinal 
ALA N    N N N 1   
ALA CA   C N S 2   
ALA C    C N N 3   
ALA O    O N N 4   
ALA CB   C N N 5   
ALA OXT  O N N 6   
ALA H    H N N 7   
ALA H2   H N N 8   
ALA HA   H N N 9   
ALA HB1  H N N 10  
ALA HB2  H N N 11  
ALA HB3  H N N 12  
ALA HXT  H N N 13  
ARG N    N N N 14  
ARG CA   C N S 15  
ARG C    C N N 16  
ARG O    O N N 17  
ARG CB   C N N 18  
ARG CG   C N N 19  
ARG CD   C N N 20  
ARG NE   N N N 21  
ARG CZ   C N N 22  
ARG NH1  N N N 23  
ARG NH2  N N N 24  
ARG OXT  O N N 25  
ARG H    H N N 26  
ARG H2   H N N 27  
ARG HA   H N N 28  
ARG HB2  H N N 29  
ARG HB3  H N N 30  
ARG HG2  H N N 31  
ARG HG3  H N N 32  
ARG HD2  H N N 33  
ARG HD3  H N N 34  
ARG HE   H N N 35  
ARG HH11 H N N 36  
ARG HH12 H N N 37  
ARG HH21 H N N 38  
ARG HH22 H N N 39  
ARG HXT  H N N 40  
ASN N    N N N 41  
ASN CA   C N S 42  
ASN C    C N N 43  
ASN O    O N N 44  
ASN CB   C N N 45  
ASN CG   C N N 46  
ASN OD1  O N N 47  
ASN ND2  N N N 48  
ASN OXT  O N N 49  
ASN H    H N N 50  
ASN H2   H N N 51  
ASN HA   H N N 52  
ASN HB2  H N N 53  
ASN HB3  H N N 54  
ASN HD21 H N N 55  
ASN HD22 H N N 56  
ASN HXT  H N N 57  
ASP N    N N N 58  
ASP CA   C N S 59  
ASP C    C N N 60  
ASP O    O N N 61  
ASP CB   C N N 62  
ASP CG   C N N 63  
ASP OD1  O N N 64  
ASP OD2  O N N 65  
ASP OXT  O N N 66  
ASP H    H N N 67  
ASP H2   H N N 68  
ASP HA   H N N 69  
ASP HB2  H N N 70  
ASP HB3  H N N 71  
ASP HD2  H N N 72  
ASP HXT  H N N 73  
CYS N    N N N 74  
CYS CA   C N R 75  
CYS C    C N N 76  
CYS O    O N N 77  
CYS CB   C N N 78  
CYS SG   S N N 79  
CYS OXT  O N N 80  
CYS H    H N N 81  
CYS H2   H N N 82  
CYS HA   H N N 83  
CYS HB2  H N N 84  
CYS HB3  H N N 85  
CYS HG   H N N 86  
CYS HXT  H N N 87  
GLN N    N N N 88  
GLN CA   C N S 89  
GLN C    C N N 90  
GLN O    O N N 91  
GLN CB   C N N 92  
GLN CG   C N N 93  
GLN CD   C N N 94  
GLN OE1  O N N 95  
GLN NE2  N N N 96  
GLN OXT  O N N 97  
GLN H    H N N 98  
GLN H2   H N N 99  
GLN HA   H N N 100 
GLN HB2  H N N 101 
GLN HB3  H N N 102 
GLN HG2  H N N 103 
GLN HG3  H N N 104 
GLN HE21 H N N 105 
GLN HE22 H N N 106 
GLN HXT  H N N 107 
GLU N    N N N 108 
GLU CA   C N S 109 
GLU C    C N N 110 
GLU O    O N N 111 
GLU CB   C N N 112 
GLU CG   C N N 113 
GLU CD   C N N 114 
GLU OE1  O N N 115 
GLU OE2  O N N 116 
GLU OXT  O N N 117 
GLU H    H N N 118 
GLU H2   H N N 119 
GLU HA   H N N 120 
GLU HB2  H N N 121 
GLU HB3  H N N 122 
GLU HG2  H N N 123 
GLU HG3  H N N 124 
GLU HE2  H N N 125 
GLU HXT  H N N 126 
GLY N    N N N 127 
GLY CA   C N N 128 
GLY C    C N N 129 
GLY O    O N N 130 
GLY OXT  O N N 131 
GLY H    H N N 132 
GLY H2   H N N 133 
GLY HA2  H N N 134 
GLY HA3  H N N 135 
GLY HXT  H N N 136 
HIS N    N N N 137 
HIS CA   C N S 138 
HIS C    C N N 139 
HIS O    O N N 140 
HIS CB   C N N 141 
HIS CG   C Y N 142 
HIS ND1  N Y N 143 
HIS CD2  C Y N 144 
HIS CE1  C Y N 145 
HIS NE2  N Y N 146 
HIS OXT  O N N 147 
HIS H    H N N 148 
HIS H2   H N N 149 
HIS HA   H N N 150 
HIS HB2  H N N 151 
HIS HB3  H N N 152 
HIS HD1  H N N 153 
HIS HD2  H N N 154 
HIS HE1  H N N 155 
HIS HE2  H N N 156 
HIS HXT  H N N 157 
ILE N    N N N 158 
ILE CA   C N S 159 
ILE C    C N N 160 
ILE O    O N N 161 
ILE CB   C N S 162 
ILE CG1  C N N 163 
ILE CG2  C N N 164 
ILE CD1  C N N 165 
ILE OXT  O N N 166 
ILE H    H N N 167 
ILE H2   H N N 168 
ILE HA   H N N 169 
ILE HB   H N N 170 
ILE HG12 H N N 171 
ILE HG13 H N N 172 
ILE HG21 H N N 173 
ILE HG22 H N N 174 
ILE HG23 H N N 175 
ILE HD11 H N N 176 
ILE HD12 H N N 177 
ILE HD13 H N N 178 
ILE HXT  H N N 179 
LEU N    N N N 180 
LEU CA   C N S 181 
LEU C    C N N 182 
LEU O    O N N 183 
LEU CB   C N N 184 
LEU CG   C N N 185 
LEU CD1  C N N 186 
LEU CD2  C N N 187 
LEU OXT  O N N 188 
LEU H    H N N 189 
LEU H2   H N N 190 
LEU HA   H N N 191 
LEU HB2  H N N 192 
LEU HB3  H N N 193 
LEU HG   H N N 194 
LEU HD11 H N N 195 
LEU HD12 H N N 196 
LEU HD13 H N N 197 
LEU HD21 H N N 198 
LEU HD22 H N N 199 
LEU HD23 H N N 200 
LEU HXT  H N N 201 
LYS N    N N N 202 
LYS CA   C N S 203 
LYS C    C N N 204 
LYS O    O N N 205 
LYS CB   C N N 206 
LYS CG   C N N 207 
LYS CD   C N N 208 
LYS CE   C N N 209 
LYS NZ   N N N 210 
LYS OXT  O N N 211 
LYS H    H N N 212 
LYS H2   H N N 213 
LYS HA   H N N 214 
LYS HB2  H N N 215 
LYS HB3  H N N 216 
LYS HG2  H N N 217 
LYS HG3  H N N 218 
LYS HD2  H N N 219 
LYS HD3  H N N 220 
LYS HE2  H N N 221 
LYS HE3  H N N 222 
LYS HZ1  H N N 223 
LYS HZ2  H N N 224 
LYS HZ3  H N N 225 
LYS HXT  H N N 226 
MET N    N N N 227 
MET CA   C N S 228 
MET C    C N N 229 
MET O    O N N 230 
MET CB   C N N 231 
MET CG   C N N 232 
MET SD   S N N 233 
MET CE   C N N 234 
MET OXT  O N N 235 
MET H    H N N 236 
MET H2   H N N 237 
MET HA   H N N 238 
MET HB2  H N N 239 
MET HB3  H N N 240 
MET HG2  H N N 241 
MET HG3  H N N 242 
MET HE1  H N N 243 
MET HE2  H N N 244 
MET HE3  H N N 245 
MET HXT  H N N 246 
PHE N    N N N 247 
PHE CA   C N S 248 
PHE C    C N N 249 
PHE O    O N N 250 
PHE CB   C N N 251 
PHE CG   C Y N 252 
PHE CD1  C Y N 253 
PHE CD2  C Y N 254 
PHE CE1  C Y N 255 
PHE CE2  C Y N 256 
PHE CZ   C Y N 257 
PHE OXT  O N N 258 
PHE H    H N N 259 
PHE H2   H N N 260 
PHE HA   H N N 261 
PHE HB2  H N N 262 
PHE HB3  H N N 263 
PHE HD1  H N N 264 
PHE HD2  H N N 265 
PHE HE1  H N N 266 
PHE HE2  H N N 267 
PHE HZ   H N N 268 
PHE HXT  H N N 269 
PRO N    N N N 270 
PRO CA   C N S 271 
PRO C    C N N 272 
PRO O    O N N 273 
PRO CB   C N N 274 
PRO CG   C N N 275 
PRO CD   C N N 276 
PRO OXT  O N N 277 
PRO H    H N N 278 
PRO HA   H N N 279 
PRO HB2  H N N 280 
PRO HB3  H N N 281 
PRO HG2  H N N 282 
PRO HG3  H N N 283 
PRO HD2  H N N 284 
PRO HD3  H N N 285 
PRO HXT  H N N 286 
SER N    N N N 287 
SER CA   C N S 288 
SER C    C N N 289 
SER O    O N N 290 
SER CB   C N N 291 
SER OG   O N N 292 
SER OXT  O N N 293 
SER H    H N N 294 
SER H2   H N N 295 
SER HA   H N N 296 
SER HB2  H N N 297 
SER HB3  H N N 298 
SER HG   H N N 299 
SER HXT  H N N 300 
THR N    N N N 301 
THR CA   C N S 302 
THR C    C N N 303 
THR O    O N N 304 
THR CB   C N R 305 
THR OG1  O N N 306 
THR CG2  C N N 307 
THR OXT  O N N 308 
THR H    H N N 309 
THR H2   H N N 310 
THR HA   H N N 311 
THR HB   H N N 312 
THR HG1  H N N 313 
THR HG21 H N N 314 
THR HG22 H N N 315 
THR HG23 H N N 316 
THR HXT  H N N 317 
TRP N    N N N 318 
TRP CA   C N S 319 
TRP C    C N N 320 
TRP O    O N N 321 
TRP CB   C N N 322 
TRP CG   C Y N 323 
TRP CD1  C Y N 324 
TRP CD2  C Y N 325 
TRP NE1  N Y N 326 
TRP CE2  C Y N 327 
TRP CE3  C Y N 328 
TRP CZ2  C Y N 329 
TRP CZ3  C Y N 330 
TRP CH2  C Y N 331 
TRP OXT  O N N 332 
TRP H    H N N 333 
TRP H2   H N N 334 
TRP HA   H N N 335 
TRP HB2  H N N 336 
TRP HB3  H N N 337 
TRP HD1  H N N 338 
TRP HE1  H N N 339 
TRP HE3  H N N 340 
TRP HZ2  H N N 341 
TRP HZ3  H N N 342 
TRP HH2  H N N 343 
TRP HXT  H N N 344 
TYR N    N N N 345 
TYR CA   C N S 346 
TYR C    C N N 347 
TYR O    O N N 348 
TYR CB   C N N 349 
TYR CG   C Y N 350 
TYR CD1  C Y N 351 
TYR CD2  C Y N 352 
TYR CE1  C Y N 353 
TYR CE2  C Y N 354 
TYR CZ   C Y N 355 
TYR OH   O N N 356 
TYR OXT  O N N 357 
TYR H    H N N 358 
TYR H2   H N N 359 
TYR HA   H N N 360 
TYR HB2  H N N 361 
TYR HB3  H N N 362 
TYR HD1  H N N 363 
TYR HD2  H N N 364 
TYR HE1  H N N 365 
TYR HE2  H N N 366 
TYR HH   H N N 367 
TYR HXT  H N N 368 
VAL N    N N N 369 
VAL CA   C N S 370 
VAL C    C N N 371 
VAL O    O N N 372 
VAL CB   C N N 373 
VAL CG1  C N N 374 
VAL CG2  C N N 375 
VAL OXT  O N N 376 
VAL H    H N N 377 
VAL H2   H N N 378 
VAL HA   H N N 379 
VAL HB   H N N 380 
VAL HG11 H N N 381 
VAL HG12 H N N 382 
VAL HG13 H N N 383 
VAL HG21 H N N 384 
VAL HG22 H N N 385 
VAL HG23 H N N 386 
VAL HXT  H N N 387 
# 
loop_
_chem_comp_bond.comp_id 
_chem_comp_bond.atom_id_1 
_chem_comp_bond.atom_id_2 
_chem_comp_bond.value_order 
_chem_comp_bond.pdbx_aromatic_flag 
_chem_comp_bond.pdbx_stereo_config 
_chem_comp_bond.pdbx_ordinal 
ALA N   CA   sing N N 1   
ALA N   H    sing N N 2   
ALA N   H2   sing N N 3   
ALA CA  C    sing N N 4   
ALA CA  CB   sing N N 5   
ALA CA  HA   sing N N 6   
ALA C   O    doub N N 7   
ALA C   OXT  sing N N 8   
ALA CB  HB1  sing N N 9   
ALA CB  HB2  sing N N 10  
ALA CB  HB3  sing N N 11  
ALA OXT HXT  sing N N 12  
ARG N   CA   sing N N 13  
ARG N   H    sing N N 14  
ARG N   H2   sing N N 15  
ARG CA  C    sing N N 16  
ARG CA  CB   sing N N 17  
ARG CA  HA   sing N N 18  
ARG C   O    doub N N 19  
ARG C   OXT  sing N N 20  
ARG CB  CG   sing N N 21  
ARG CB  HB2  sing N N 22  
ARG CB  HB3  sing N N 23  
ARG CG  CD   sing N N 24  
ARG CG  HG2  sing N N 25  
ARG CG  HG3  sing N N 26  
ARG CD  NE   sing N N 27  
ARG CD  HD2  sing N N 28  
ARG CD  HD3  sing N N 29  
ARG NE  CZ   sing N N 30  
ARG NE  HE   sing N N 31  
ARG CZ  NH1  sing N N 32  
ARG CZ  NH2  doub N N 33  
ARG NH1 HH11 sing N N 34  
ARG NH1 HH12 sing N N 35  
ARG NH2 HH21 sing N N 36  
ARG NH2 HH22 sing N N 37  
ARG OXT HXT  sing N N 38  
ASN N   CA   sing N N 39  
ASN N   H    sing N N 40  
ASN N   H2   sing N N 41  
ASN CA  C    sing N N 42  
ASN CA  CB   sing N N 43  
ASN CA  HA   sing N N 44  
ASN C   O    doub N N 45  
ASN C   OXT  sing N N 46  
ASN CB  CG   sing N N 47  
ASN CB  HB2  sing N N 48  
ASN CB  HB3  sing N N 49  
ASN CG  OD1  doub N N 50  
ASN CG  ND2  sing N N 51  
ASN ND2 HD21 sing N N 52  
ASN ND2 HD22 sing N N 53  
ASN OXT HXT  sing N N 54  
ASP N   CA   sing N N 55  
ASP N   H    sing N N 56  
ASP N   H2   sing N N 57  
ASP CA  C    sing N N 58  
ASP CA  CB   sing N N 59  
ASP CA  HA   sing N N 60  
ASP C   O    doub N N 61  
ASP C   OXT  sing N N 62  
ASP CB  CG   sing N N 63  
ASP CB  HB2  sing N N 64  
ASP CB  HB3  sing N N 65  
ASP CG  OD1  doub N N 66  
ASP CG  OD2  sing N N 67  
ASP OD2 HD2  sing N N 68  
ASP OXT HXT  sing N N 69  
CYS N   CA   sing N N 70  
CYS N   H    sing N N 71  
CYS N   H2   sing N N 72  
CYS CA  C    sing N N 73  
CYS CA  CB   sing N N 74  
CYS CA  HA   sing N N 75  
CYS C   O    doub N N 76  
CYS C   OXT  sing N N 77  
CYS CB  SG   sing N N 78  
CYS CB  HB2  sing N N 79  
CYS CB  HB3  sing N N 80  
CYS SG  HG   sing N N 81  
CYS OXT HXT  sing N N 82  
GLN N   CA   sing N N 83  
GLN N   H    sing N N 84  
GLN N   H2   sing N N 85  
GLN CA  C    sing N N 86  
GLN CA  CB   sing N N 87  
GLN CA  HA   sing N N 88  
GLN C   O    doub N N 89  
GLN C   OXT  sing N N 90  
GLN CB  CG   sing N N 91  
GLN CB  HB2  sing N N 92  
GLN CB  HB3  sing N N 93  
GLN CG  CD   sing N N 94  
GLN CG  HG2  sing N N 95  
GLN CG  HG3  sing N N 96  
GLN CD  OE1  doub N N 97  
GLN CD  NE2  sing N N 98  
GLN NE2 HE21 sing N N 99  
GLN NE2 HE22 sing N N 100 
GLN OXT HXT  sing N N 101 
GLU N   CA   sing N N 102 
GLU N   H    sing N N 103 
GLU N   H2   sing N N 104 
GLU CA  C    sing N N 105 
GLU CA  CB   sing N N 106 
GLU CA  HA   sing N N 107 
GLU C   O    doub N N 108 
GLU C   OXT  sing N N 109 
GLU CB  CG   sing N N 110 
GLU CB  HB2  sing N N 111 
GLU CB  HB3  sing N N 112 
GLU CG  CD   sing N N 113 
GLU CG  HG2  sing N N 114 
GLU CG  HG3  sing N N 115 
GLU CD  OE1  doub N N 116 
GLU CD  OE2  sing N N 117 
GLU OE2 HE2  sing N N 118 
GLU OXT HXT  sing N N 119 
GLY N   CA   sing N N 120 
GLY N   H    sing N N 121 
GLY N   H2   sing N N 122 
GLY CA  C    sing N N 123 
GLY CA  HA2  sing N N 124 
GLY CA  HA3  sing N N 125 
GLY C   O    doub N N 126 
GLY C   OXT  sing N N 127 
GLY OXT HXT  sing N N 128 
HIS N   CA   sing N N 129 
HIS N   H    sing N N 130 
HIS N   H2   sing N N 131 
HIS CA  C    sing N N 132 
HIS CA  CB   sing N N 133 
HIS CA  HA   sing N N 134 
HIS C   O    doub N N 135 
HIS C   OXT  sing N N 136 
HIS CB  CG   sing N N 137 
HIS CB  HB2  sing N N 138 
HIS CB  HB3  sing N N 139 
HIS CG  ND1  sing Y N 140 
HIS CG  CD2  doub Y N 141 
HIS ND1 CE1  doub Y N 142 
HIS ND1 HD1  sing N N 143 
HIS CD2 NE2  sing Y N 144 
HIS CD2 HD2  sing N N 145 
HIS CE1 NE2  sing Y N 146 
HIS CE1 HE1  sing N N 147 
HIS NE2 HE2  sing N N 148 
HIS OXT HXT  sing N N 149 
ILE N   CA   sing N N 150 
ILE N   H    sing N N 151 
ILE N   H2   sing N N 152 
ILE CA  C    sing N N 153 
ILE CA  CB   sing N N 154 
ILE CA  HA   sing N N 155 
ILE C   O    doub N N 156 
ILE C   OXT  sing N N 157 
ILE CB  CG1  sing N N 158 
ILE CB  CG2  sing N N 159 
ILE CB  HB   sing N N 160 
ILE CG1 CD1  sing N N 161 
ILE CG1 HG12 sing N N 162 
ILE CG1 HG13 sing N N 163 
ILE CG2 HG21 sing N N 164 
ILE CG2 HG22 sing N N 165 
ILE CG2 HG23 sing N N 166 
ILE CD1 HD11 sing N N 167 
ILE CD1 HD12 sing N N 168 
ILE CD1 HD13 sing N N 169 
ILE OXT HXT  sing N N 170 
LEU N   CA   sing N N 171 
LEU N   H    sing N N 172 
LEU N   H2   sing N N 173 
LEU CA  C    sing N N 174 
LEU CA  CB   sing N N 175 
LEU CA  HA   sing N N 176 
LEU C   O    doub N N 177 
LEU C   OXT  sing N N 178 
LEU CB  CG   sing N N 179 
LEU CB  HB2  sing N N 180 
LEU CB  HB3  sing N N 181 
LEU CG  CD1  sing N N 182 
LEU CG  CD2  sing N N 183 
LEU CG  HG   sing N N 184 
LEU CD1 HD11 sing N N 185 
LEU CD1 HD12 sing N N 186 
LEU CD1 HD13 sing N N 187 
LEU CD2 HD21 sing N N 188 
LEU CD2 HD22 sing N N 189 
LEU CD2 HD23 sing N N 190 
LEU OXT HXT  sing N N 191 
LYS N   CA   sing N N 192 
LYS N   H    sing N N 193 
LYS N   H2   sing N N 194 
LYS CA  C    sing N N 195 
LYS CA  CB   sing N N 196 
LYS CA  HA   sing N N 197 
LYS C   O    doub N N 198 
LYS C   OXT  sing N N 199 
LYS CB  CG   sing N N 200 
LYS CB  HB2  sing N N 201 
LYS CB  HB3  sing N N 202 
LYS CG  CD   sing N N 203 
LYS CG  HG2  sing N N 204 
LYS CG  HG3  sing N N 205 
LYS CD  CE   sing N N 206 
LYS CD  HD2  sing N N 207 
LYS CD  HD3  sing N N 208 
LYS CE  NZ   sing N N 209 
LYS CE  HE2  sing N N 210 
LYS CE  HE3  sing N N 211 
LYS NZ  HZ1  sing N N 212 
LYS NZ  HZ2  sing N N 213 
LYS NZ  HZ3  sing N N 214 
LYS OXT HXT  sing N N 215 
MET N   CA   sing N N 216 
MET N   H    sing N N 217 
MET N   H2   sing N N 218 
MET CA  C    sing N N 219 
MET CA  CB   sing N N 220 
MET CA  HA   sing N N 221 
MET C   O    doub N N 222 
MET C   OXT  sing N N 223 
MET CB  CG   sing N N 224 
MET CB  HB2  sing N N 225 
MET CB  HB3  sing N N 226 
MET CG  SD   sing N N 227 
MET CG  HG2  sing N N 228 
MET CG  HG3  sing N N 229 
MET SD  CE   sing N N 230 
MET CE  HE1  sing N N 231 
MET CE  HE2  sing N N 232 
MET CE  HE3  sing N N 233 
MET OXT HXT  sing N N 234 
PHE N   CA   sing N N 235 
PHE N   H    sing N N 236 
PHE N   H2   sing N N 237 
PHE CA  C    sing N N 238 
PHE CA  CB   sing N N 239 
PHE CA  HA   sing N N 240 
PHE C   O    doub N N 241 
PHE C   OXT  sing N N 242 
PHE CB  CG   sing N N 243 
PHE CB  HB2  sing N N 244 
PHE CB  HB3  sing N N 245 
PHE CG  CD1  doub Y N 246 
PHE CG  CD2  sing Y N 247 
PHE CD1 CE1  sing Y N 248 
PHE CD1 HD1  sing N N 249 
PHE CD2 CE2  doub Y N 250 
PHE CD2 HD2  sing N N 251 
PHE CE1 CZ   doub Y N 252 
PHE CE1 HE1  sing N N 253 
PHE CE2 CZ   sing Y N 254 
PHE CE2 HE2  sing N N 255 
PHE CZ  HZ   sing N N 256 
PHE OXT HXT  sing N N 257 
PRO N   CA   sing N N 258 
PRO N   CD   sing N N 259 
PRO N   H    sing N N 260 
PRO CA  C    sing N N 261 
PRO CA  CB   sing N N 262 
PRO CA  HA   sing N N 263 
PRO C   O    doub N N 264 
PRO C   OXT  sing N N 265 
PRO CB  CG   sing N N 266 
PRO CB  HB2  sing N N 267 
PRO CB  HB3  sing N N 268 
PRO CG  CD   sing N N 269 
PRO CG  HG2  sing N N 270 
PRO CG  HG3  sing N N 271 
PRO CD  HD2  sing N N 272 
PRO CD  HD3  sing N N 273 
PRO OXT HXT  sing N N 274 
SER N   CA   sing N N 275 
SER N   H    sing N N 276 
SER N   H2   sing N N 277 
SER CA  C    sing N N 278 
SER CA  CB   sing N N 279 
SER CA  HA   sing N N 280 
SER C   O    doub N N 281 
SER C   OXT  sing N N 282 
SER CB  OG   sing N N 283 
SER CB  HB2  sing N N 284 
SER CB  HB3  sing N N 285 
SER OG  HG   sing N N 286 
SER OXT HXT  sing N N 287 
THR N   CA   sing N N 288 
THR N   H    sing N N 289 
THR N   H2   sing N N 290 
THR CA  C    sing N N 291 
THR CA  CB   sing N N 292 
THR CA  HA   sing N N 293 
THR C   O    doub N N 294 
THR C   OXT  sing N N 295 
THR CB  OG1  sing N N 296 
THR CB  CG2  sing N N 297 
THR CB  HB   sing N N 298 
THR OG1 HG1  sing N N 299 
THR CG2 HG21 sing N N 300 
THR CG2 HG22 sing N N 301 
THR CG2 HG23 sing N N 302 
THR OXT HXT  sing N N 303 
TRP N   CA   sing N N 304 
TRP N   H    sing N N 305 
TRP N   H2   sing N N 306 
TRP CA  C    sing N N 307 
TRP CA  CB   sing N N 308 
TRP CA  HA   sing N N 309 
TRP C   O    doub N N 310 
TRP C   OXT  sing N N 311 
TRP CB  CG   sing N N 312 
TRP CB  HB2  sing N N 313 
TRP CB  HB3  sing N N 314 
TRP CG  CD1  doub Y N 315 
TRP CG  CD2  sing Y N 316 
TRP CD1 NE1  sing Y N 317 
TRP CD1 HD1  sing N N 318 
TRP CD2 CE2  doub Y N 319 
TRP CD2 CE3  sing Y N 320 
TRP NE1 CE2  sing Y N 321 
TRP NE1 HE1  sing N N 322 
TRP CE2 CZ2  sing Y N 323 
TRP CE3 CZ3  doub Y N 324 
TRP CE3 HE3  sing N N 325 
TRP CZ2 CH2  doub Y N 326 
TRP CZ2 HZ2  sing N N 327 
TRP CZ3 CH2  sing Y N 328 
TRP CZ3 HZ3  sing N N 329 
TRP CH2 HH2  sing N N 330 
TRP OXT HXT  sing N N 331 
TYR N   CA   sing N N 332 
TYR N   H    sing N N 333 
TYR N   H2   sing N N 334 
TYR CA  C    sing N N 335 
TYR CA  CB   sing N N 336 
TYR CA  HA   sing N N 337 
TYR C   O    doub N N 338 
TYR C   OXT  sing N N 339 
TYR CB  CG   sing N N 340 
TYR CB  HB2  sing N N 341 
TYR CB  HB3  sing N N 342 
TYR CG  CD1  doub Y N 343 
TYR CG  CD2  sing Y N 344 
TYR CD1 CE1  sing Y N 345 
TYR CD1 HD1  sing N N 346 
TYR CD2 CE2  doub Y N 347 
TYR CD2 HD2  sing N N 348 
TYR CE1 CZ   doub Y N 349 
TYR CE1 HE1  sing N N 350 
TYR CE2 CZ   sing Y N 351 
TYR CE2 HE2  sing N N 352 
TYR CZ  OH   sing N N 353 
TYR OH  HH   sing N N 354 
TYR OXT HXT  sing N N 355 
VAL N   CA   sing N N 356 
VAL N   H    sing N N 357 
VAL N   H2   sing N N 358 
VAL CA  C    sing N N 359 
VAL CA  CB   sing N N 360 
VAL CA  HA   sing N N 361 
VAL C   O    doub N N 362 
VAL C   OXT  sing N N 363 
VAL CB  CG1  sing N N 364 
VAL CB  CG2  sing N N 365 
VAL CB  HB   sing N N 366 
VAL CG1 HG11 sing N N 367 
VAL CG1 HG12 sing N N 368 
VAL CG1 HG13 sing N N 369 
VAL CG2 HG21 sing N N 370 
VAL CG2 HG22 sing N N 371 
VAL CG2 HG23 sing N N 372 
VAL OXT HXT  sing N N 373 
# 
_em_ctf_correction.id        1 
_em_ctf_correction.details   'CTF CORRECTION OF 3D-MAPS' 
_em_ctf_correction.type      . 
# 
_em_image_processing.id                   1 
_em_image_processing.image_recording_id   1 
_em_image_processing.details              ? 
# 
_em_image_recording.details                       ? 
_em_image_recording.id                            1 
_em_image_recording.avg_electron_dose_per_image   20 
_em_image_recording.film_or_detector_model        'KODAK SO-163 FILM' 
_em_image_recording.imaging_id                    1 
_em_image_recording.detector_mode                 ? 
_em_image_recording.average_exposure_time         ? 
_em_image_recording.num_diffraction_images        ? 
_em_image_recording.num_grids_imaged              ? 
_em_image_recording.num_real_images               ? 
# 
loop_
_em_software.id 
_em_software.name 
_em_software.version 
_em_software.category 
_em_software.details 
_em_software.image_processing_id 
1 O      ? 'MODEL FITTING' ? ? 
2 SPIDER ? RECONSTRUCTION  ? 1 
# 
_em_specimen.experiment_id           1 
_em_specimen.id                      1 
_em_specimen.concentration           32 
_em_specimen.vitrification_applied   YES 
_em_specimen.staining_applied        NO 
_em_specimen.embedding_applied       NO 
_em_specimen.shadowing_applied       NO 
_em_specimen.details                 ? 
# 
_pdbx_coordinate_model.asym_id   A 
_pdbx_coordinate_model.type      'CA ATOMS ONLY' 
# 
_pdbx_initial_refinement_model.id               1 
_pdbx_initial_refinement_model.type             'experimental model' 
_pdbx_initial_refinement_model.source_name      PDB 
_pdbx_initial_refinement_model.accession_code   1RQ0 
# 
_atom_sites.entry_id                    2FVO 
_atom_sites.fract_transf_matrix[1][1]   1.000000 
_atom_sites.fract_transf_matrix[1][2]   0.000000 
_atom_sites.fract_transf_matrix[1][3]   0.000000 
_atom_sites.fract_transf_matrix[2][1]   0.000000 
_atom_sites.fract_transf_matrix[2][2]   1.000000 
_atom_sites.fract_transf_matrix[2][3]   0.000000 
_atom_sites.fract_transf_matrix[3][1]   0.000000 
_atom_sites.fract_transf_matrix[3][2]   0.000000 
_atom_sites.fract_transf_matrix[3][3]   1.000000 
_atom_sites.fract_transf_vector[1]      0.00000 
_atom_sites.fract_transf_vector[2]      0.00000 
_atom_sites.fract_transf_vector[3]      0.00000 
# 
_atom_type.symbol   C 
# 
loop_
_atom_site.group_PDB 
_atom_site.id 
_atom_site.type_symbol 
_atom_site.label_atom_id 
_atom_site.label_alt_id 
_atom_site.label_comp_id 
_atom_site.label_asym_id 
_atom_site.label_entity_id 
_atom_site.label_seq_id 
_atom_site.pdbx_PDB_ins_code 
_atom_site.Cartn_x 
_atom_site.Cartn_y 
_atom_site.Cartn_z 
_atom_site.occupancy 
_atom_site.B_iso_or_equiv 
_atom_site.pdbx_formal_charge 
_atom_site.auth_seq_id 
_atom_site.auth_comp_id 
_atom_site.auth_asym_id 
_atom_site.auth_atom_id 
_atom_site.pdbx_PDB_model_num 
ATOM 1   C CA . MET A 1 1   ? -22.301 -16.321 2.624   1.00 109.82 ? 1   MET A CA 1 
ATOM 2   C CA . LYS A 1 2   ? -23.443 -19.848 3.653   1.00 138.42 ? 2   LYS A CA 1 
ATOM 3   C CA . GLU A 1 3   ? -26.509 -18.512 5.473   1.00 50.31  ? 3   GLU A CA 1 
ATOM 4   C CA . LYS A 1 4   ? -24.070 -17.163 8.292   1.00 76.57  ? 4   LYS A CA 1 
ATOM 5   C CA . LYS A 1 5   ? -22.338 -13.900 6.929   1.00 68.84  ? 5   LYS A CA 1 
ATOM 6   C CA . LYS A 1 6   ? -25.928 -13.107 5.651   1.00 44.64  ? 6   LYS A CA 1 
ATOM 7   C CA . GLU A 1 7   ? -27.395 -13.598 9.317   1.00 71.82  ? 7   GLU A CA 1 
ATOM 8   C CA . ILE A 1 8   ? -25.155 -10.655 10.645  1.00 44.52  ? 8   ILE A CA 1 
ATOM 9   C CA . GLU A 1 9   ? -26.298 -8.362  7.653   1.00 35.86  ? 9   GLU A CA 1 
ATOM 10  C CA . LYS A 1 10  ? -30.078 -9.013  8.586   1.00 66.65  ? 10  LYS A CA 1 
ATOM 11  C CA . LEU A 1 11  ? -29.604 -8.032  12.344  1.00 47.90  ? 11  LEU A CA 1 
ATOM 12  C CA . LEU A 1 12  ? -27.443 -4.902  11.433  1.00 51.10  ? 12  LEU A CA 1 
ATOM 13  C CA . ALA A 1 13  ? -30.170 -3.774  8.841   1.00 38.36  ? 13  ALA A CA 1 
ATOM 14  C CA . ARG A 1 14  ? -32.846 -4.039  11.697  1.00 52.34  ? 14  ARG A CA 1 
ATOM 15  C CA . PRO A 1 15  ? -34.460 -0.560  12.861  1.00 130.57 ? 15  PRO A CA 1 
ATOM 16  C CA . ASP A 1 16  ? -31.229 1.549   13.673  1.00 92.90  ? 16  ASP A CA 1 
ATOM 17  C CA . LEU A 1 17  ? -27.651 1.891   12.259  1.00 93.78  ? 17  LEU A CA 1 
ATOM 18  C CA . THR A 1 18  ? -25.660 5.007   10.803  1.00 60.08  ? 18  THR A CA 1 
ATOM 19  C CA . PRO A 1 19  ? -26.074 6.465   7.090   1.00 104.78 ? 19  PRO A CA 1 
ATOM 20  C CA . GLU A 1 20  ? -22.426 5.438   6.112   1.00 52.31  ? 20  GLU A CA 1 
ATOM 21  C CA . GLN A 1 21  ? -23.094 1.861   7.570   1.00 49.26  ? 21  GLN A CA 1 
ATOM 22  C CA . MET A 1 22  ? -26.605 1.606   5.765   1.00 81.18  ? 22  MET A CA 1 
ATOM 23  C CA . LYS A 1 23  ? -25.029 1.754   2.202   1.00 56.22  ? 23  LYS A CA 1 
ATOM 24  C CA . ASN A 1 24  ? -21.874 -0.349  3.277   1.00 48.15  ? 24  ASN A CA 1 
ATOM 25  C CA . TYR A 1 25  ? -23.922 -3.308  4.829   1.00 38.82  ? 25  TYR A CA 1 
ATOM 26  C CA . GLY A 1 26  ? -26.810 -2.898  2.204   1.00 40.49  ? 26  GLY A CA 1 
ATOM 27  C CA . MET A 1 27  ? -24.300 -3.225  -0.750  1.00 53.38  ? 27  MET A CA 1 
ATOM 28  C CA . GLU A 1 28  ? -22.520 -6.335  0.849   1.00 41.97  ? 28  GLU A CA 1 
ATOM 29  C CA . TYR A 1 29  ? -26.058 -7.937  1.287   1.00 50.20  ? 29  TYR A CA 1 
ATOM 30  C CA . ALA A 1 30  ? -26.653 -7.439  -2.563  1.00 34.70  ? 30  ALA A CA 1 
ATOM 31  C CA . LYS A 1 31  ? -23.035 -8.859  -3.276  1.00 32.97  ? 31  LYS A CA 1 
ATOM 32  C CA . ILE A 1 32  ? -24.111 -12.060 -1.249  1.00 28.17  ? 32  ILE A CA 1 
ATOM 33  C CA . GLU A 1 33  ? -27.459 -12.203 -3.315  1.00 39.35  ? 33  GLU A CA 1 
ATOM 34  C CA . GLU A 1 34  ? -25.472 -11.930 -6.696  1.00 28.23  ? 34  GLU A CA 1 
ATOM 35  C CA . ILE A 1 35  ? -23.157 -14.868 -5.464  1.00 25.56  ? 35  ILE A CA 1 
ATOM 36  C CA . GLU A 1 36  ? -26.288 -17.037 -4.456  1.00 29.19  ? 36  GLU A CA 1 
ATOM 37  C CA . ASN A 1 37  ? -28.058 -16.204 -7.855  1.00 42.91  ? 37  ASN A CA 1 
ATOM 38  C CA . ILE A 1 38  ? -24.814 -17.036 -9.939  1.00 28.77  ? 38  ILE A CA 1 
ATOM 39  C CA . THR A 1 39  ? -24.018 -20.261 -7.805  1.00 36.08  ? 39  THR A CA 1 
ATOM 40  C CA . ASN A 1 40  ? -27.721 -21.265 -8.614  1.00 43.57  ? 40  ASN A CA 1 
ATOM 41  C CA . ARG A 1 41  ? -27.291 -20.368 -12.444 1.00 52.24  ? 41  ARG A CA 1 
ATOM 42  C CA . ILE A 1 42  ? -23.936 -22.417 -12.546 1.00 55.49  ? 42  ILE A CA 1 
ATOM 43  C CA . LYS A 1 43  ? -25.641 -25.473 -10.760 1.00 47.34  ? 43  LYS A CA 1 
ATOM 44  C CA . GLU A 1 44  ? -28.868 -25.402 -13.001 1.00 46.27  ? 44  GLU A CA 1 
ATOM 45  C CA . THR A 1 45  ? -26.928 -24.930 -16.396 1.00 46.87  ? 45  THR A CA 1 
ATOM 46  C CA . GLN A 1 46  ? -24.433 -27.775 -15.241 1.00 48.81  ? 46  GLN A CA 1 
ATOM 47  C CA . GLU A 1 47  ? -27.401 -30.179 -14.343 1.00 74.90  ? 47  GLU A CA 1 
ATOM 48  C CA . PHE A 1 48  ? -28.937 -29.279 -17.824 1.00 49.90  ? 48  PHE A CA 1 
ATOM 49  C CA . ILE A 1 49  ? -25.542 -30.034 -19.750 1.00 48.63  ? 49  ILE A CA 1 
ATOM 50  C CA . GLU A 1 50  ? -25.270 -33.661 -18.262 1.00 70.87  ? 50  GLU A CA 1 
ATOM 51  C CA . LEU A 1 51  ? -28.964 -34.258 -19.392 1.00 73.80  ? 51  LEU A CA 1 
ATOM 52  C CA . LEU A 1 52  ? -28.060 -33.012 -23.030 1.00 67.40  ? 52  LEU A CA 1 
ATOM 53  C CA . ARG A 1 53  ? -25.208 -35.739 -23.119 1.00 128.64 ? 53  ARG A CA 1 
ATOM 54  C CA . GLU A 1 54  ? -26.996 -39.030 -21.998 1.00 124.79 ? 54  GLU A CA 1 
ATOM 55  C CA . GLU A 1 55  ? -30.669 -38.092 -23.098 1.00 103.35 ? 55  GLU A CA 1 
ATOM 56  C CA . GLY A 1 56  ? -30.932 -40.826 -25.831 1.00 165.46 ? 56  GLY A CA 1 
ATOM 57  C CA . GLU A 1 57  ? -28.902 -38.865 -28.508 1.00 169.61 ? 57  GLU A CA 1 
ATOM 58  C CA . ASN A 1 58  ? -26.296 -36.064 -27.631 1.00 72.60  ? 58  ASN A CA 1 
ATOM 59  C CA . GLU A 1 59  ? -27.195 -32.538 -29.002 1.00 149.32 ? 59  GLU A CA 1 
ATOM 60  C CA . LEU A 1 60  ? -23.707 -31.078 -30.113 1.00 103.02 ? 60  LEU A CA 1 
ATOM 61  C CA . GLU A 1 61  ? -24.425 -27.620 -28.525 1.00 88.37  ? 61  GLU A CA 1 
ATOM 62  C CA . ILE A 1 62  ? -23.458 -28.511 -24.860 1.00 51.49  ? 62  ILE A CA 1 
ATOM 63  C CA . GLU A 1 63  ? -20.512 -26.153 -25.917 1.00 81.48  ? 63  GLU A CA 1 
ATOM 64  C CA . LYS A 1 64  ? -22.791 -22.927 -25.965 1.00 60.38  ? 64  LYS A CA 1 
ATOM 65  C CA . TYR A 1 65  ? -23.814 -23.684 -22.270 1.00 80.01  ? 65  TYR A CA 1 
ATOM 66  C CA . GLU A 1 66  ? -20.111 -24.743 -21.424 1.00 60.80  ? 66  GLU A CA 1 
ATOM 67  C CA . LYS A 1 67  ? -18.895 -21.246 -22.691 1.00 56.02  ? 67  LYS A CA 1 
ATOM 68  C CA . GLU A 1 68  ? -21.714 -19.690 -20.450 1.00 70.06  ? 68  GLU A CA 1 
ATOM 69  C CA . LEU A 1 69  ? -20.082 -21.537 -17.396 1.00 40.32  ? 69  LEU A CA 1 
ATOM 70  C CA . ASP A 1 70  ? -16.635 -19.948 -18.400 1.00 36.76  ? 70  ASP A CA 1 
ATOM 71  C CA . GLN A 1 71  ? -18.417 -16.464 -18.054 1.00 42.13  ? 71  GLN A CA 1 
ATOM 72  C CA . LEU A 1 72  ? -20.455 -17.349 -14.805 1.00 20.50  ? 72  LEU A CA 1 
ATOM 73  C CA . TYR A 1 73  ? -17.267 -18.755 -12.992 1.00 34.78  ? 73  TYR A CA 1 
ATOM 74  C CA . GLN A 1 74  ? -15.332 -15.447 -13.857 1.00 33.75  ? 74  GLN A CA 1 
ATOM 75  C CA . GLU A 1 75  ? -18.314 -13.260 -12.543 1.00 25.01  ? 75  GLU A CA 1 
ATOM 76  C CA . LEU A 1 76  ? -18.484 -15.542 -9.346  1.00 22.18  ? 76  LEU A CA 1 
ATOM 77  C CA . LEU A 1 77  ? -14.599 -15.164 -8.942  1.00 39.47  ? 77  LEU A CA 1 
ATOM 78  C CA . PHE A 1 78  ? -14.928 -11.266 -9.322  1.00 37.66  ? 78  PHE A CA 1 
ATOM 79  C CA . LEU A 1 79  ? -17.677 -11.043 -6.534  1.00 25.17  ? 79  LEU A CA 1 
ATOM 80  C CA . LEU A 1 80  ? -15.553 -13.339 -4.153  1.00 66.11  ? 80  LEU A CA 1 
ATOM 81  C CA . SER A 1 81  ? -11.852 -12.096 -4.720  1.00 62.69  ? 81  SER A CA 1 
ATOM 82  C CA . PRO A 1 82  ? -10.690 -8.802  -2.708  1.00 119.08 ? 82  PRO A CA 1 
ATOM 83  C CA . GLU A 1 83  ? -9.268  -5.424  -3.985  1.00 104.50 ? 83  GLU A CA 1 
ATOM 84  C CA . ALA A 1 84  ? -9.085  0.450   -2.850  1.00 85.41  ? 84  ALA A CA 1 
ATOM 85  C CA . SER A 1 85  ? -7.471  3.668   -4.408  1.00 43.96  ? 85  SER A CA 1 
ATOM 86  C CA . ASP A 1 86  ? -5.243  4.343   -7.527  1.00 42.23  ? 86  ASP A CA 1 
ATOM 87  C CA . LYS A 1 87  ? -2.589  6.880   -6.125  1.00 25.39  ? 87  LYS A CA 1 
ATOM 88  C CA . ALA A 1 88  ? 0.524   5.796   -4.037  1.00 19.26  ? 88  ALA A CA 1 
ATOM 89  C CA . ILE A 1 89  ? 3.924   6.808   -2.500  1.00 45.35  ? 89  ILE A CA 1 
ATOM 90  C CA . VAL A 1 90  ? 6.911   4.437   -2.524  1.00 18.23  ? 90  VAL A CA 1 
ATOM 91  C CA . GLU A 1 91  ? 9.771   5.717   -0.203  1.00 21.94  ? 91  GLU A CA 1 
ATOM 92  C CA . ILE A 1 92  ? 13.036  3.566   -0.475  1.00 20.32  ? 92  ILE A CA 1 
ATOM 93  C CA . ARG A 1 93  ? 16.117  3.950   1.835   1.00 26.21  ? 93  ARG A CA 1 
ATOM 94  C CA . PRO A 1 94  ? 19.279  1.812   2.810   1.00 19.58  ? 94  PRO A CA 1 
ATOM 95  C CA . GLY A 1 95  ? 19.065  -0.209  6.105   1.00 33.39  ? 95  GLY A CA 1 
ATOM 96  C CA . THR A 1 96  ? 22.070  -2.364  7.256   1.00 45.63  ? 96  THR A CA 1 
ATOM 97  C CA . GLY A 1 97  ? 25.236  -2.911  5.019   1.00 33.17  ? 97  GLY A CA 1 
ATOM 98  C CA . GLY A 1 98  ? 26.840  0.552   4.138   1.00 32.43  ? 98  GLY A CA 1 
ATOM 99  C CA . GLU A 1 99  ? 27.299  1.223   0.344   1.00 43.26  ? 99  GLU A CA 1 
ATOM 100 C CA . GLU A 1 100 ? 25.720  -2.258  -0.540  1.00 33.01  ? 100 GLU A CA 1 
ATOM 101 C CA . ALA A 1 101 ? 22.362  -1.229  1.164   1.00 28.76  ? 101 ALA A CA 1 
ATOM 102 C CA . ALA A 1 102 ? 22.342  1.948   -1.141  1.00 34.81  ? 102 ALA A CA 1 
ATOM 103 C CA . LEU A 1 103 ? 23.176  -0.182  -4.312  1.00 19.42  ? 103 LEU A CA 1 
ATOM 104 C CA . PHE A 1 104 ? 20.176  -2.528  -3.412  1.00 24.97  ? 104 PHE A CA 1 
ATOM 105 C CA . ALA A 1 105 ? 17.895  0.591   -2.676  1.00 12.93  ? 105 ALA A CA 1 
ATOM 106 C CA . ARG A 1 106 ? 18.435  1.359   -6.465  1.00 13.53  ? 106 ARG A CA 1 
ATOM 107 C CA . ASP A 1 107 ? 17.742  -2.393  -7.519  1.00 21.72  ? 107 ASP A CA 1 
ATOM 108 C CA . LEU A 1 108 ? 14.257  -2.113  -5.758  1.00 27.29  ? 108 LEU A CA 1 
ATOM 109 C CA . PHE A 1 109 ? 13.655  1.411   -7.378  1.00 20.14  ? 109 PHE A CA 1 
ATOM 110 C CA . ARG A 1 110 ? 14.624  -0.119  -10.843 1.00 18.13  ? 110 ARG A CA 1 
ATOM 111 C CA . MET A 1 111 ? 12.123  -3.076  -10.217 1.00 21.48  ? 111 MET A CA 1 
ATOM 112 C CA . TYR A 1 112 ? 9.194   -0.610  -9.370  1.00 8.42   ? 112 TYR A CA 1 
ATOM 113 C CA . THR A 1 113 ? 10.157  1.776   -12.328 1.00 22.21  ? 113 THR A CA 1 
ATOM 114 C CA . ARG A 1 114 ? 10.019  -1.305  -14.737 1.00 26.16  ? 114 ARG A CA 1 
ATOM 115 C CA . TYR A 1 115 ? 6.838   -2.876  -13.038 1.00 28.31  ? 115 TYR A CA 1 
ATOM 116 C CA . ALA A 1 116 ? 4.885   0.503   -13.256 1.00 23.13  ? 116 ALA A CA 1 
ATOM 117 C CA . GLU A 1 117 ? 5.803   0.659   -17.053 1.00 28.76  ? 117 GLU A CA 1 
ATOM 118 C CA . ARG A 1 118 ? 4.460   -3.006  -17.562 1.00 29.76  ? 118 ARG A CA 1 
ATOM 119 C CA . LYS A 1 119 ? 1.125   -2.245  -15.652 1.00 33.57  ? 119 LYS A CA 1 
ATOM 120 C CA . GLY A 1 120 ? 0.478   1.079   -17.677 1.00 26.84  ? 120 GLY A CA 1 
ATOM 121 C CA . TRP A 1 121 ? 1.043   3.282   -14.522 1.00 17.68  ? 121 TRP A CA 1 
ATOM 122 C CA . ASN A 1 122 ? 2.326   6.946   -14.532 1.00 38.88  ? 122 ASN A CA 1 
ATOM 123 C CA . LEU A 1 123 ? 5.472   7.465   -12.290 1.00 38.65  ? 123 LEU A CA 1 
ATOM 124 C CA . GLU A 1 124 ? 6.812   10.921  -11.153 1.00 28.61  ? 124 GLU A CA 1 
ATOM 125 C CA . VAL A 1 125 ? 10.117  10.886  -9.104  1.00 22.38  ? 125 VAL A CA 1 
ATOM 126 C CA . ALA A 1 126 ? 9.766   13.391  -6.129  1.00 24.41  ? 126 ALA A CA 1 
ATOM 127 C CA . GLU A 1 127 ? 13.477  13.393  -4.970  1.00 35.19  ? 127 GLU A CA 1 
ATOM 128 C CA . ILE A 1 128 ? 16.664  11.201  -5.480  1.00 23.32  ? 128 ILE A CA 1 
ATOM 129 C CA . HIS A 1 129 ? 19.752  11.408  -3.113  1.00 41.28  ? 129 HIS A CA 1 
ATOM 130 C CA . GLU A 1 130 ? 22.292  9.355   -5.232  1.00 30.67  ? 130 GLU A CA 1 
ATOM 131 C CA . THR A 1 131 ? 25.628  7.588   -4.296  1.00 36.58  ? 131 THR A CA 1 
ATOM 132 C CA . ASP A 1 132 ? 28.954  7.946   -6.352  1.00 44.11  ? 132 ASP A CA 1 
ATOM 133 C CA . LEU A 1 133 ? 29.015  4.092   -7.092  1.00 30.12  ? 133 LEU A CA 1 
ATOM 134 C CA . GLY A 1 134 ? 25.362  4.342   -8.557  1.00 31.45  ? 134 GLY A CA 1 
ATOM 135 C CA . GLY A 1 135 ? 23.257  3.623   -5.382  1.00 26.58  ? 135 GLY A CA 1 
ATOM 136 C CA . ILE A 1 136 ? 20.331  5.510   -3.745  1.00 19.28  ? 136 ILE A CA 1 
ATOM 137 C CA . ARG A 1 137 ? 20.677  7.072   -0.216  1.00 31.71  ? 137 ARG A CA 1 
ATOM 138 C CA . GLU A 1 138 ? 16.921  8.188   -0.422  1.00 24.17  ? 138 GLU A CA 1 
ATOM 139 C CA . VAL A 1 139 ? 14.145  8.011   -3.105  1.00 26.60  ? 139 VAL A CA 1 
ATOM 140 C CA . VAL A 1 140 ? 10.426  9.002   -2.915  1.00 17.56  ? 140 VAL A CA 1 
ATOM 141 C CA . PHE A 1 141 ? 8.144   8.570   -6.049  1.00 8.72   ? 141 PHE A CA 1 
ATOM 142 C CA . PHE A 1 142 ? 4.404   9.133   -6.923  1.00 29.20  ? 142 PHE A CA 1 
ATOM 143 C CA . VAL A 1 143 ? 2.656   6.092   -8.702  1.00 22.66  ? 143 VAL A CA 1 
ATOM 144 C CA . LYS A 1 144 ? -0.895  6.328   -10.332 1.00 19.51  ? 144 LYS A CA 1 
ATOM 145 C CA . GLY A 1 145 ? -3.053  3.621   -12.102 1.00 20.61  ? 145 GLY A CA 1 
ATOM 146 C CA . LYS A 1 146 ? -5.874  0.965   -11.527 1.00 27.89  ? 146 LYS A CA 1 
ATOM 147 C CA . ASN A 1 147 ? -5.373  0.149   -7.759  1.00 31.65  ? 147 ASN A CA 1 
ATOM 148 C CA . ALA A 1 148 ? -1.545  0.966   -7.860  1.00 27.88  ? 148 ALA A CA 1 
ATOM 149 C CA . TYR A 1 149 ? -1.656  1.543   -4.012  1.00 19.22  ? 149 TYR A CA 1 
ATOM 150 C CA . GLY A 1 150 ? -3.364  -1.920  -3.225  1.00 34.61  ? 150 GLY A CA 1 
ATOM 151 C CA . ILE A 1 151 ? -1.040  -3.999  -5.503  1.00 18.14  ? 151 ILE A CA 1 
ATOM 152 C CA . LEU A 1 152 ? 2.032   -2.016  -4.019  1.00 13.40  ? 152 LEU A CA 1 
ATOM 153 C CA . LYS A 1 153 ? 0.873   -2.056  -0.194  1.00 28.08  ? 153 LYS A CA 1 
ATOM 154 C CA . TYR A 1 154 ? 2.475   -5.592  0.019   1.00 34.74  ? 154 TYR A CA 1 
ATOM 155 C CA . GLU A 1 155 ? 5.954   -3.958  -0.710  1.00 16.77  ? 155 GLU A CA 1 
ATOM 156 C CA . SER A 1 156 ? 5.947   -2.081  2.765   1.00 18.97  ? 156 SER A CA 1 
ATOM 157 C CA . GLY A 1 157 ? 8.706   -3.581  5.050   1.00 11.40  ? 157 GLY A CA 1 
ATOM 158 C CA . VAL A 1 158 ? 12.387  -4.686  5.212   1.00 22.57  ? 158 VAL A CA 1 
ATOM 159 C CA . HIS A 1 159 ? 13.757  -6.237  1.907   1.00 28.63  ? 159 HIS A CA 1 
ATOM 160 C CA . ARG A 1 160 ? 17.149  -8.196  2.154   1.00 22.36  ? 160 ARG A CA 1 
ATOM 161 C CA . VAL A 1 161 ? 19.810  -9.181  -0.490  1.00 21.67  ? 161 VAL A CA 1 
ATOM 162 C CA . GLN A 1 162 ? 22.309  -12.066 -0.200  1.00 16.33  ? 162 GLN A CA 1 
ATOM 163 C CA . ARG A 1 163 ? 24.931  -11.471 -3.018  1.00 31.13  ? 163 ARG A CA 1 
ATOM 164 C CA . VAL A 1 164 ? 28.658  -11.005 -3.872  1.00 37.93  ? 164 VAL A CA 1 
ATOM 165 C CA . PRO A 1 165 ? 28.932  -7.051  -4.316  1.00 36.36  ? 165 PRO A CA 1 
ATOM 166 C CA . VAL A 1 166 ? 29.285  -6.021  -8.094  1.00 18.47  ? 166 VAL A CA 1 
ATOM 167 C CA . THR A 1 167 ? 32.697  -4.282  -7.302  1.00 26.65  ? 167 THR A CA 1 
ATOM 168 C CA . GLU A 1 168 ? 34.032  -7.496  -5.421  1.00 46.74  ? 168 GLU A CA 1 
ATOM 169 C CA . SER A 1 169 ? 35.735  -9.949  -7.955  1.00 43.98  ? 169 SER A CA 1 
ATOM 170 C CA . GLY A 1 170 ? 34.638  -13.474 -6.687  1.00 69.52  ? 170 GLY A CA 1 
ATOM 171 C CA . GLY A 1 171 ? 34.502  -12.512 -2.926  1.00 45.95  ? 171 GLY A CA 1 
ATOM 172 C CA . ARG A 1 172 ? 32.172  -13.596 -0.055  1.00 65.92  ? 172 ARG A CA 1 
ATOM 173 C CA . ILE A 1 173 ? 28.305  -13.262 -0.119  1.00 29.28  ? 173 ILE A CA 1 
ATOM 174 C CA . HIS A 1 174 ? 27.629  -9.860  1.580   1.00 36.75  ? 174 HIS A CA 1 
ATOM 175 C CA . THR A 1 175 ? 24.089  -9.614  3.162   1.00 14.75  ? 175 THR A CA 1 
ATOM 176 C CA . SER A 1 176 ? 22.426  -6.094  3.001   1.00 30.06  ? 176 SER A CA 1 
ATOM 177 C CA . THR A 1 177 ? 18.996  -4.467  3.613   1.00 26.50  ? 177 THR A CA 1 
ATOM 178 C CA . ALA A 1 178 ? 16.792  -1.708  2.069   1.00 19.31  ? 178 ALA A CA 1 
ATOM 179 C CA . THR A 1 179 ? 13.517  -0.386  3.715   1.00 24.63  ? 179 THR A CA 1 
ATOM 180 C CA . VAL A 1 180 ? 10.487  0.165   1.348   1.00 21.72  ? 180 VAL A CA 1 
ATOM 181 C CA . ALA A 1 181 ? 7.458   2.235   2.716   1.00 20.19  ? 181 ALA A CA 1 
ATOM 182 C CA . VAL A 1 182 ? 4.208   2.293   0.548   1.00 9.01   ? 182 VAL A CA 1 
ATOM 183 C CA . LEU A 1 183 ? 1.399   4.770   1.514   1.00 31.14  ? 183 LEU A CA 1 
ATOM 184 C CA . PRO A 1 184 ? -2.038  6.098   0.016   1.00 39.11  ? 184 PRO A CA 1 
ATOM 185 C CA . GLU A 1 185 ? -2.231  9.828   -1.318  1.00 27.24  ? 185 GLU A CA 1 
ATOM 186 C CA . ILE A 1 186 ? -0.423  11.486  1.671   1.00 20.26  ? 186 ILE A CA 1 
ATOM 187 C CA . GLU A 1 187 ? 2.564   12.046  -0.933  1.00 36.36  ? 187 GLU A CA 1 
ATOM 188 C CA . GLU A 1 188 ? 2.531   15.449  -0.054  1.00 51.87  ? 188 GLU A CA 1 
ATOM 189 C CA . LYS A 1 189 ? 2.164   18.637  -0.276  1.00 39.59  ? 189 LYS A CA 1 
ATOM 190 C CA . ASP A 1 190 ? 1.052   22.037  0.861   1.00 57.61  ? 190 ASP A CA 1 
ATOM 191 C CA . ILE A 1 191 ? 0.401   21.733  4.746   1.00 52.15  ? 191 ILE A CA 1 
ATOM 192 C CA . GLU A 1 192 ? -2.380  20.924  7.361   1.00 43.14  ? 192 GLU A CA 1 
ATOM 193 C CA . ILE A 1 193 ? -2.399  21.744  11.169  1.00 49.83  ? 193 ILE A CA 1 
ATOM 194 C CA . ARG A 1 194 ? -5.176  19.987  13.257  1.00 55.16  ? 194 ARG A CA 1 
ATOM 195 C CA . PRO A 1 195 ? -6.856  22.266  16.065  1.00 25.54  ? 195 PRO A CA 1 
ATOM 196 C CA . GLU A 1 196 ? -6.189  19.547  18.794  1.00 44.80  ? 196 GLU A CA 1 
ATOM 197 C CA . ASP A 1 197 ? -2.321  19.784  18.092  1.00 47.96  ? 197 ASP A CA 1 
ATOM 198 C CA . LEU A 1 198 ? -2.060  23.607  19.060  1.00 31.09  ? 198 LEU A CA 1 
ATOM 199 C CA . LYS A 1 199 ? -1.936  25.002  22.688  1.00 46.30  ? 199 LYS A CA 1 
ATOM 200 C CA . ILE A 1 200 ? -2.585  28.832  22.398  1.00 27.24  ? 200 ILE A CA 1 
ATOM 201 C CA . GLU A 1 201 ? -1.732  30.734  25.687  1.00 10.84  ? 201 GLU A CA 1 
ATOM 202 C CA . THR A 1 202 ? -2.086  34.549  26.423  1.00 30.45  ? 202 THR A CA 1 
ATOM 203 C CA . PHE A 1 203 ? -0.538  36.582  29.344  1.00 34.73  ? 203 PHE A CA 1 
ATOM 204 C CA . ARG A 1 204 ? -0.173  40.207  30.673  1.00 37.77  ? 204 ARG A CA 1 
ATOM 205 C CA . ALA A 1 205 ? 2.968   42.165  29.412  1.00 69.89  ? 205 ALA A CA 1 
ATOM 206 C CA . SER A 1 206 ? 5.893   41.873  31.978  1.00 70.45  ? 206 SER A CA 1 
ATOM 207 C CA . GLY A 1 207 ? 7.088   45.473  32.789  1.00 112.00 ? 207 GLY A CA 1 
ATOM 208 C CA . GLU A 1 217 ? 1.534   45.513  24.754  1.00 43.29  ? 217 GLU A CA 1 
ATOM 209 C CA . SER A 1 218 ? 0.375   41.775  24.460  1.00 37.54  ? 218 SER A CA 1 
ATOM 210 C CA . ALA A 1 219 ? 2.071   38.398  25.361  1.00 34.54  ? 219 ALA A CA 1 
ATOM 211 C CA . VAL A 1 220 ? 1.069   35.370  23.092  1.00 22.88  ? 220 VAL A CA 1 
ATOM 212 C CA . ARG A 1 221 ? 2.644   31.808  23.079  1.00 35.77  ? 221 ARG A CA 1 
ATOM 213 C CA . ILE A 1 222 ? 1.658   28.945  20.606  1.00 20.24  ? 222 ILE A CA 1 
ATOM 214 C CA . THR A 1 223 ? 2.971   25.314  21.171  1.00 33.84  ? 223 THR A CA 1 
ATOM 215 C CA . HIS A 1 224 ? 2.687   22.524  18.491  1.00 36.56  ? 224 HIS A CA 1 
ATOM 216 C CA . LEU A 1 225 ? 2.089   19.545  20.961  1.00 31.55  ? 225 LEU A CA 1 
ATOM 217 C CA . PRO A 1 226 ? 3.441   16.524  18.713  1.00 39.64  ? 226 PRO A CA 1 
ATOM 218 C CA . THR A 1 227 ? 6.798   18.270  17.735  1.00 23.47  ? 227 THR A CA 1 
ATOM 219 C CA . GLY A 1 228 ? 7.576   20.720  20.651  1.00 38.16  ? 228 GLY A CA 1 
ATOM 220 C CA . ILE A 1 229 ? 7.841   23.920  18.388  1.00 24.94  ? 229 ILE A CA 1 
ATOM 221 C CA . VAL A 1 230 ? 7.047   27.043  20.553  1.00 21.22  ? 230 VAL A CA 1 
ATOM 222 C CA . VAL A 1 231 ? 6.594   30.606  19.050  1.00 30.73  ? 231 VAL A CA 1 
ATOM 223 C CA . SER A 1 232 ? 6.635   33.429  21.731  1.00 32.21  ? 232 SER A CA 1 
ATOM 224 C CA . CYS A 1 233 ? 5.416   36.993  20.743  1.00 31.77  ? 233 CYS A CA 1 
ATOM 225 C CA . GLN A 1 234 ? 5.750   40.178  22.991  1.00 49.61  ? 234 GLN A CA 1 
ATOM 226 C CA . ASN A 1 235 ? 5.328   43.618  21.170  1.00 47.05  ? 235 ASN A CA 1 
ATOM 227 C CA . GLU A 1 236 ? 3.021   46.641  20.166  1.00 32.43  ? 236 GLU A CA 1 
ATOM 228 C CA . ARG A 1 237 ? 0.415   44.384  18.276  1.00 35.81  ? 237 ARG A CA 1 
ATOM 229 C CA . SER A 1 238 ? -2.920  43.087  19.799  1.00 12.67  ? 238 SER A CA 1 
ATOM 230 C CA . GLN A 1 239 ? -3.325  39.380  21.013  1.00 23.35  ? 239 GLN A CA 1 
ATOM 231 C CA . TYR A 1 240 ? -5.177  38.617  17.640  1.00 12.13  ? 240 TYR A CA 1 
ATOM 232 C CA . GLN A 1 241 ? -2.388  40.154  15.322  1.00 28.45  ? 241 GLN A CA 1 
ATOM 233 C CA . ASN A 1 242 ? 0.447   38.423  17.428  1.00 33.64  ? 242 ASN A CA 1 
ATOM 234 C CA . LYS A 1 243 ? -1.450  35.008  17.062  1.00 33.91  ? 243 LYS A CA 1 
ATOM 235 C CA . GLN A 1 244 ? -1.627  35.417  13.151  1.00 34.60  ? 244 GLN A CA 1 
ATOM 236 C CA . THR A 1 245 ? 2.172   36.393  13.109  1.00 36.36  ? 245 THR A CA 1 
ATOM 237 C CA . ALA A 1 246 ? 2.975   33.323  15.413  1.00 33.20  ? 246 ALA A CA 1 
ATOM 238 C CA . LEU A 1 247 ? 1.010   30.893  13.051  1.00 30.99  ? 247 LEU A CA 1 
ATOM 239 C CA . ARG A 1 248 ? 3.115   32.222  9.980   1.00 41.00  ? 248 ARG A CA 1 
ATOM 240 C CA . ILE A 1 249 ? 6.399   31.401  11.941  1.00 23.68  ? 249 ILE A CA 1 
ATOM 241 C CA . LEU A 1 250 ? 4.919   27.951  13.171  1.00 12.09  ? 250 LEU A CA 1 
ATOM 242 C CA . ARG A 1 251 ? 3.883   26.779  9.549   1.00 32.90  ? 251 ARG A CA 1 
ATOM 243 C CA . ALA A 1 252 ? 7.536   27.629  8.387   1.00 28.53  ? 252 ALA A CA 1 
ATOM 244 C CA . ARG A 1 253 ? 9.190   25.955  11.536  1.00 27.27  ? 253 ARG A CA 1 
ATOM 245 C CA . LEU A 1 254 ? 6.842   22.819  11.210  1.00 26.06  ? 254 LEU A CA 1 
ATOM 246 C CA . TYR A 1 255 ? 7.234   22.364  7.340   1.00 63.59  ? 255 TYR A CA 1 
ATOM 247 C CA . GLN A 1 256 ? 11.113  22.736  7.656   1.00 33.75  ? 256 GLN A CA 1 
ATOM 248 C CA . LEU A 1 257 ? 10.991  20.304  10.727  1.00 31.54  ? 257 LEU A CA 1 
ATOM 249 C CA . GLN A 1 258 ? 8.955   17.704  8.558   1.00 72.92  ? 258 GLN A CA 1 
ATOM 250 C CA . LYS A 1 259 ? 11.507  17.976  5.600   1.00 47.44  ? 259 LYS A CA 1 
ATOM 251 C CA . GLU A 1 260 ? 14.228  17.630  8.396   1.00 76.74  ? 260 GLU A CA 1 
ATOM 252 C CA . GLN A 1 261 ? 12.385  14.612  10.169  1.00 165.29 ? 261 GLN A CA 1 
ATOM 253 C CA . LYS A 1 262 ? 12.382  12.777  6.709   1.00 67.84  ? 262 LYS A CA 1 
ATOM 254 C CA . GLU A 1 263 ? 16.241  13.363  6.126   1.00 175.00 ? 263 GLU A CA 1 
ATOM 255 C CA . ARG A 1 264 ? 17.862  13.704  9.730   1.00 192.23 ? 264 ARG A CA 1 
ATOM 256 C CA . GLU A 1 265 ? 16.647  10.028  10.312  1.00 181.17 ? 265 GLU A CA 1 
ATOM 257 C CA . ILE A 1 266 ? 19.144  8.886   7.458   1.00 182.91 ? 266 ILE A CA 1 
ATOM 258 C CA . SER A 1 267 ? 22.061  11.519  7.826   1.00 179.70 ? 267 SER A CA 1 
ATOM 259 C CA . GLN A 1 268 ? 23.320  9.386   10.866  1.00 147.41 ? 268 GLN A CA 1 
ATOM 260 C CA . ARG A 1 279 ? 13.075  -4.967  14.764  1.00 113.71 ? 279 ARG A CA 1 
ATOM 261 C CA . SER A 1 280 ? 13.742  -8.054  12.485  1.00 110.26 ? 280 SER A CA 1 
ATOM 262 C CA . GLU A 1 281 ? 10.459  -7.827  10.300  1.00 86.22  ? 281 GLU A CA 1 
ATOM 263 C CA . LYS A 1 282 ? 12.104  -9.556  7.245   1.00 28.31  ? 282 LYS A CA 1 
ATOM 264 C CA . ILE A 1 283 ? 9.579   -9.104  4.343   1.00 16.45  ? 283 ILE A CA 1 
ATOM 265 C CA . ARG A 1 284 ? 11.461  -10.859 1.408   1.00 18.12  ? 284 ARG A CA 1 
ATOM 266 C CA . THR A 1 285 ? 14.993  -12.225 0.440   1.00 11.81  ? 285 THR A CA 1 
ATOM 267 C CA . TYR A 1 286 ? 16.756  -11.844 -2.978  1.00 13.73  ? 286 TYR A CA 1 
ATOM 268 C CA . ASN A 1 287 ? 19.621  -14.492 -3.149  1.00 16.35  ? 287 ASN A CA 1 
ATOM 269 C CA . PHE A 1 288 ? 21.735  -13.871 -6.365  1.00 26.87  ? 288 PHE A CA 1 
ATOM 270 C CA . PRO A 1 289 ? 24.037  -17.136 -6.442  1.00 27.36  ? 289 PRO A CA 1 
ATOM 271 C CA . GLN A 1 290 ? 20.856  -19.378 -6.097  1.00 15.74  ? 290 GLN A CA 1 
ATOM 272 C CA . ASN A 1 291 ? 18.743  -17.013 -8.478  1.00 22.56  ? 291 ASN A CA 1 
ATOM 273 C CA . ARG A 1 292 ? 15.667  -16.834 -6.091  1.00 16.64  ? 292 ARG A CA 1 
ATOM 274 C CA . VAL A 1 293 ? 13.077  -14.451 -4.504  1.00 32.23  ? 293 VAL A CA 1 
ATOM 275 C CA . THR A 1 294 ? 11.639  -15.846 -1.161  1.00 27.41  ? 294 THR A CA 1 
ATOM 276 C CA . ASP A 1 295 ? 8.655   -13.902 0.386   1.00 11.45  ? 295 ASP A CA 1 
ATOM 277 C CA . HIS A 1 296 ? 8.644   -14.803 4.181   1.00 30.59  ? 296 HIS A CA 1 
ATOM 278 C CA . ARG A 1 297 ? 5.005   -13.804 5.255   1.00 31.19  ? 297 ARG A CA 1 
ATOM 279 C CA . ILE A 1 298 ? 3.679   -16.502 2.765   1.00 19.11  ? 298 ILE A CA 1 
ATOM 280 C CA . ASN A 1 299 ? 6.925   -18.742 2.474   1.00 20.07  ? 299 ASN A CA 1 
ATOM 281 C CA . TYR A 1 300 ? 6.826   -18.591 -1.441  1.00 14.66  ? 300 TYR A CA 1 
ATOM 282 C CA . THR A 1 301 ? 10.089  -19.128 -3.447  1.00 38.20  ? 301 THR A CA 1 
ATOM 283 C CA . SER A 1 302 ? 10.240  -18.045 -7.126  1.00 34.00  ? 302 SER A CA 1 
ATOM 284 C CA . TYR A 1 303 ? 13.369  -19.130 -9.158  1.00 29.20  ? 303 TYR A CA 1 
ATOM 285 C CA . ARG A 1 304 ? 12.977  -16.147 -11.677 1.00 22.36  ? 304 ARG A CA 1 
ATOM 286 C CA . LEU A 1 305 ? 15.025  -13.409 -9.726  1.00 19.67  ? 305 LEU A CA 1 
ATOM 287 C CA . GLN A 1 306 ? 16.372  -11.420 -12.784 1.00 19.71  ? 306 GLN A CA 1 
ATOM 288 C CA . GLU A 1 307 ? 12.809  -11.415 -14.421 1.00 17.69  ? 307 GLU A CA 1 
ATOM 289 C CA . ILE A 1 308 ? 11.281  -10.163 -11.014 1.00 21.23  ? 308 ILE A CA 1 
ATOM 290 C CA . LEU A 1 309 ? 14.112  -7.448  -10.548 1.00 10.54  ? 309 LEU A CA 1 
ATOM 291 C CA . ASP A 1 310 ? 13.343  -6.481  -14.268 1.00 19.13  ? 310 ASP A CA 1 
ATOM 292 C CA . GLY A 1 311 ? 9.692   -5.613  -13.097 1.00 15.94  ? 311 GLY A CA 1 
ATOM 293 C CA . ASP A 1 312 ? 7.784   -9.026  -13.532 1.00 30.27  ? 312 ASP A CA 1 
ATOM 294 C CA . LEU A 1 313 ? 6.353   -8.733  -9.921  1.00 22.45  ? 313 LEU A CA 1 
ATOM 295 C CA . ASP A 1 314 ? 2.708   -10.083 -10.602 1.00 18.19  ? 314 ASP A CA 1 
ATOM 296 C CA . GLU A 1 315 ? 3.758   -13.715 -9.527  1.00 25.93  ? 315 GLU A CA 1 
ATOM 297 C CA . ILE A 1 316 ? 4.714   -12.688 -5.850  1.00 26.14  ? 316 ILE A CA 1 
ATOM 298 C CA . ILE A 1 317 ? 1.963   -9.905  -5.521  1.00 35.80  ? 317 ILE A CA 1 
ATOM 299 C CA . SER A 1 318 ? -0.877  -12.341 -6.799  1.00 29.29  ? 318 SER A CA 1 
ATOM 300 C CA . LYS A 1 319 ? 0.353   -14.904 -4.080  1.00 26.26  ? 319 LYS A CA 1 
ATOM 301 C CA . LEU A 1 320 ? 0.295   -12.087 -1.350  1.00 19.88  ? 320 LEU A CA 1 
ATOM 302 C CA . ILE A 1 321 ? -3.221  -11.006 -2.688  1.00 19.35  ? 321 ILE A CA 1 
ATOM 303 C CA . GLU A 1 322 ? -4.371  -14.810 -2.620  1.00 25.49  ? 322 GLU A CA 1 
ATOM 304 C CA . HIS A 1 323 ? -3.313  -15.235 1.136   1.00 32.46  ? 323 HIS A CA 1 
ATOM 305 C CA . ASP A 1 324 ? -5.178  -11.883 1.872   1.00 35.33  ? 324 ASP A CA 1 
ATOM 306 C CA . ILE A 1 325 ? -8.172  -13.560 -0.049  1.00 33.65  ? 325 ILE A CA 1 
ATOM 307 C CA . GLU A 1 326 ? -7.829  -16.877 2.033   1.00 31.27  ? 326 GLU A CA 1 
ATOM 308 C CA . ASN A 1 327 ? -7.457  -15.646 5.766   1.00 43.63  ? 327 ASN A CA 1 
ATOM 309 C CA . ASN A 1 328 ? -7.911  -11.753 6.052   1.00 89.98  ? 328 ASN A CA 1 
ATOM 310 C CA . LEU A 1 329 ? -11.119 -9.478  6.226   1.00 124.80 ? 329 LEU A CA 1 
ATOM 311 C CA . GLU A 1 330 ? -12.739 -10.423 2.800   1.00 78.06  ? 330 GLU A CA 1 
ATOM 312 C CA . GLU A 1 331 ? -12.848 -14.335 3.387   1.00 116.45 ? 331 GLU A CA 1 
ATOM 313 C CA . VAL A 1 332 ? -15.045 -15.381 6.461   1.00 172.37 ? 332 VAL A CA 1 
ATOM 314 C CA . LEU A 1 333 ? -16.354 -11.761 7.183   1.00 128.87 ? 333 LEU A CA 1 
# 
